data_2G5C
#
_entry.id   2G5C
#
_cell.length_a   42.707
_cell.length_b   178.952
_cell.length_c   75.195
_cell.angle_alpha   90.00
_cell.angle_beta   99.15
_cell.angle_gamma   90.00
#
_symmetry.space_group_name_H-M   'P 1 21 1'
#
loop_
_entity.id
_entity.type
_entity.pdbx_description
1 polymer 'prephenate dehydrogenase'
2 non-polymer NICOTINAMIDE-ADENINE-DINUCLEOTIDE
3 water water
#
_entity_poly.entity_id   1
_entity_poly.type   'polypeptide(L)'
_entity_poly.pdbx_seq_one_letter_code
;(MSE)QNVLIVGVGF(MSE)GGSFAKSLRRSGFKGKIYGYDINPESISKAVDLGIIDEGTTSIAKVEDFSPDFV(MSE)L
SSPVRTFREIAKKLSYILSEDATVTDQGSVKGKLVYDLENILGKRFVGGHPIAGTEKSGVEYSLDNLYEGKKVILTPTKK
TDKKRLKLVKRVWEDVGGVVEY(MSE)SPELHDYVFGVVSHLPHAVAFALVDTLIH(MSE)STPEVDLFKYPGGGFKDFT
RIAKSDPI(MSE)WRDIFLENKENV(MSE)KAIEGFEKSLNHLKELIVREAEEELVEYLKEVKIKR(MSE)EI
;
_entity_poly.pdbx_strand_id   A,B,C,D
#
loop_
_chem_comp.id
_chem_comp.type
_chem_comp.name
_chem_comp.formula
NAD non-polymer NICOTINAMIDE-ADENINE-DINUCLEOTIDE 'C21 H27 N7 O14 P2'
#
# COMPACT_ATOMS: atom_id res chain seq x y z
N MSE A 1 23.47 -18.20 -33.65
CA MSE A 1 23.90 -16.90 -33.05
C MSE A 1 25.42 -16.79 -32.93
O MSE A 1 26.05 -17.64 -32.31
CB MSE A 1 23.26 -16.71 -31.68
CG MSE A 1 23.90 -15.61 -30.85
SE MSE A 1 23.06 -15.34 -29.12
CE MSE A 1 22.20 -13.64 -29.48
N GLN A 2 25.98 -15.74 -33.51
CA GLN A 2 27.41 -15.47 -33.46
C GLN A 2 27.71 -14.22 -34.27
N ASN A 3 26.85 -13.94 -35.24
CA ASN A 3 26.97 -12.74 -36.07
C ASN A 3 25.77 -11.87 -35.74
N VAL A 4 25.92 -11.01 -34.73
CA VAL A 4 24.85 -10.13 -34.31
C VAL A 4 24.83 -8.85 -35.12
N LEU A 5 23.65 -8.49 -35.63
CA LEU A 5 23.51 -7.27 -36.40
C LEU A 5 22.59 -6.28 -35.70
N ILE A 6 23.13 -5.11 -35.39
CA ILE A 6 22.36 -4.06 -34.75
C ILE A 6 21.87 -3.14 -35.85
N VAL A 7 20.56 -3.10 -36.08
CA VAL A 7 20.00 -2.21 -37.10
C VAL A 7 19.53 -0.95 -36.38
N GLY A 8 20.21 0.17 -36.66
CA GLY A 8 19.89 1.41 -35.98
C GLY A 8 20.80 1.46 -34.77
N VAL A 9 22.00 2.01 -34.95
CA VAL A 9 22.96 2.10 -33.87
C VAL A 9 22.82 3.40 -33.09
N GLY A 10 21.80 3.46 -32.24
CA GLY A 10 21.57 4.65 -31.44
C GLY A 10 21.64 4.31 -29.97
N PHE A 11 20.85 4.99 -29.16
CA PHE A 11 20.82 4.76 -27.73
C PHE A 11 20.44 3.31 -27.41
N MSE A 12 19.33 2.85 -27.97
CA MSE A 12 18.86 1.49 -27.72
C MSE A 12 19.72 0.44 -28.42
O MSE A 12 20.15 -0.53 -27.79
CB MSE A 12 17.39 1.37 -28.16
CG MSE A 12 16.43 2.34 -27.45
SE MSE A 12 16.29 2.06 -25.53
CE MSE A 12 15.25 0.43 -25.55
N GLY A 13 19.96 0.63 -29.71
CA GLY A 13 20.78 -0.32 -30.44
C GLY A 13 22.13 -0.44 -29.75
N GLY A 14 22.70 0.70 -29.41
CA GLY A 14 23.98 0.72 -28.73
C GLY A 14 23.94 0.09 -27.35
N SER A 15 22.84 0.27 -26.63
CA SER A 15 22.71 -0.28 -25.29
C SER A 15 22.64 -1.81 -25.32
N PHE A 16 21.89 -2.34 -26.28
CA PHE A 16 21.77 -3.79 -26.41
C PHE A 16 23.13 -4.38 -26.72
N ALA A 17 23.86 -3.73 -27.61
CA ALA A 17 25.20 -4.18 -28.01
C ALA A 17 26.14 -4.23 -26.81
N LYS A 18 26.16 -3.17 -26.02
CA LYS A 18 27.03 -3.12 -24.85
C LYS A 18 26.56 -4.11 -23.80
N SER A 19 25.25 -4.23 -23.65
CA SER A 19 24.71 -5.17 -22.67
C SER A 19 25.09 -6.58 -23.09
N LEU A 20 25.24 -6.78 -24.39
CA LEU A 20 25.60 -8.08 -24.93
C LEU A 20 27.01 -8.49 -24.50
N ARG A 21 27.97 -7.59 -24.70
CA ARG A 21 29.36 -7.86 -24.34
C ARG A 21 29.52 -8.14 -22.85
N ARG A 22 29.06 -7.21 -22.02
CA ARG A 22 29.15 -7.35 -20.58
C ARG A 22 28.64 -8.71 -20.12
N SER A 23 27.57 -9.17 -20.76
CA SER A 23 26.98 -10.46 -20.42
C SER A 23 27.90 -11.62 -20.77
N GLY A 24 29.01 -11.31 -21.44
CA GLY A 24 29.96 -12.34 -21.80
C GLY A 24 30.03 -12.74 -23.27
N PHE A 25 29.28 -12.06 -24.12
CA PHE A 25 29.28 -12.38 -25.55
C PHE A 25 30.69 -12.25 -26.12
N LYS A 26 31.09 -13.22 -26.93
CA LYS A 26 32.42 -13.21 -27.53
C LYS A 26 32.36 -13.19 -29.06
N GLY A 27 31.15 -13.27 -29.60
CA GLY A 27 30.97 -13.27 -31.04
C GLY A 27 31.15 -11.91 -31.67
N LYS A 28 30.71 -11.78 -32.94
CA LYS A 28 30.83 -10.51 -33.65
C LYS A 28 29.55 -9.70 -33.58
N ILE A 29 29.71 -8.39 -33.42
CA ILE A 29 28.59 -7.47 -33.35
C ILE A 29 28.74 -6.45 -34.46
N TYR A 30 27.80 -6.46 -35.40
CA TYR A 30 27.83 -5.57 -36.54
C TYR A 30 26.73 -4.54 -36.45
N GLY A 31 26.83 -3.51 -37.28
CA GLY A 31 25.82 -2.47 -37.26
C GLY A 31 25.48 -1.93 -38.62
N TYR A 32 24.22 -1.51 -38.76
CA TYR A 32 23.71 -0.92 -40.00
C TYR A 32 22.96 0.33 -39.58
N ASP A 33 23.31 1.46 -40.17
CA ASP A 33 22.67 2.72 -39.86
C ASP A 33 22.82 3.63 -41.06
N ILE A 34 21.84 4.49 -41.30
CA ILE A 34 21.89 5.41 -42.42
C ILE A 34 22.85 6.56 -42.13
N ASN A 35 23.24 6.70 -40.87
CA ASN A 35 24.13 7.79 -40.48
C ASN A 35 25.57 7.31 -40.32
N PRO A 36 26.48 7.86 -41.14
CA PRO A 36 27.91 7.52 -41.11
C PRO A 36 28.51 7.65 -39.70
N GLU A 37 28.20 8.76 -39.05
CA GLU A 37 28.68 9.04 -37.70
C GLU A 37 28.30 8.00 -36.66
N SER A 38 27.10 7.44 -36.79
CA SER A 38 26.64 6.42 -35.85
C SER A 38 27.59 5.22 -35.88
N ILE A 39 27.92 4.80 -37.09
CA ILE A 39 28.81 3.66 -37.29
C ILE A 39 30.22 3.96 -36.76
N SER A 40 30.82 5.03 -37.27
CA SER A 40 32.17 5.43 -36.87
C SER A 40 32.35 5.52 -35.36
N LYS A 41 31.47 6.26 -34.69
CA LYS A 41 31.54 6.41 -33.24
C LYS A 41 31.36 5.08 -32.54
N ALA A 42 30.38 4.29 -32.99
CA ALA A 42 30.10 3.00 -32.39
C ALA A 42 31.31 2.09 -32.46
N VAL A 43 32.06 2.20 -33.56
CA VAL A 43 33.25 1.38 -33.75
C VAL A 43 34.36 1.82 -32.80
N ASP A 44 34.55 3.14 -32.69
CA ASP A 44 35.58 3.67 -31.81
C ASP A 44 35.24 3.36 -30.35
N LEU A 45 33.95 3.46 -30.01
CA LEU A 45 33.50 3.21 -28.66
C LEU A 45 33.53 1.73 -28.33
N GLY A 46 33.87 0.90 -29.31
CA GLY A 46 33.90 -0.53 -29.10
C GLY A 46 32.50 -1.08 -28.89
N ILE A 47 31.51 -0.37 -29.43
CA ILE A 47 30.12 -0.78 -29.32
C ILE A 47 29.91 -1.95 -30.28
N ILE A 48 30.32 -1.76 -31.53
CA ILE A 48 30.21 -2.76 -32.57
C ILE A 48 31.60 -3.01 -33.14
N ASP A 49 31.79 -4.16 -33.78
CA ASP A 49 33.08 -4.51 -34.37
C ASP A 49 33.28 -3.79 -35.70
N GLU A 50 32.20 -3.66 -36.46
CA GLU A 50 32.22 -3.01 -37.76
C GLU A 50 30.79 -2.69 -38.16
N GLY A 51 30.63 -1.73 -39.05
CA GLY A 51 29.30 -1.36 -39.49
C GLY A 51 29.30 -0.85 -40.91
N THR A 52 28.11 -0.65 -41.46
CA THR A 52 27.98 -0.14 -42.81
C THR A 52 26.77 0.77 -42.92
N THR A 53 26.77 1.65 -43.91
CA THR A 53 25.68 2.56 -44.14
C THR A 53 24.88 2.07 -45.33
N SER A 54 25.33 0.95 -45.90
CA SER A 54 24.68 0.35 -47.06
C SER A 54 24.01 -0.97 -46.69
N ILE A 55 22.69 -0.99 -46.73
CA ILE A 55 21.92 -2.18 -46.38
C ILE A 55 22.37 -3.42 -47.15
N ALA A 56 22.78 -3.24 -48.40
CA ALA A 56 23.24 -4.35 -49.23
C ALA A 56 24.48 -5.01 -48.64
N LYS A 57 25.40 -4.18 -48.13
CA LYS A 57 26.64 -4.65 -47.53
C LYS A 57 26.44 -5.68 -46.43
N VAL A 58 25.32 -5.57 -45.71
CA VAL A 58 25.02 -6.48 -44.61
C VAL A 58 25.32 -7.95 -44.90
N GLU A 59 25.09 -8.37 -46.14
CA GLU A 59 25.33 -9.78 -46.50
C GLU A 59 26.77 -10.20 -46.20
N ASP A 60 27.70 -9.25 -46.18
CA ASP A 60 29.09 -9.57 -45.89
C ASP A 60 29.24 -9.97 -44.43
N PHE A 61 28.30 -9.52 -43.61
CA PHE A 61 28.30 -9.83 -42.18
C PHE A 61 27.56 -11.14 -41.92
N SER A 62 26.78 -11.59 -42.91
CA SER A 62 25.99 -12.81 -42.79
C SER A 62 25.45 -12.96 -41.37
N PRO A 63 24.63 -11.99 -40.92
CA PRO A 63 24.06 -12.04 -39.57
C PRO A 63 23.00 -13.12 -39.39
N ASP A 64 23.01 -13.76 -38.22
CA ASP A 64 22.04 -14.79 -37.92
C ASP A 64 21.12 -14.35 -36.78
N PHE A 65 21.42 -13.18 -36.22
CA PHE A 65 20.62 -12.62 -35.14
C PHE A 65 20.53 -11.11 -35.38
N VAL A 66 19.33 -10.61 -35.65
CA VAL A 66 19.15 -9.20 -35.94
C VAL A 66 18.23 -8.48 -34.94
N MSE A 67 18.68 -7.32 -34.46
CA MSE A 67 17.90 -6.53 -33.52
C MSE A 67 17.54 -5.19 -34.12
O MSE A 67 18.37 -4.28 -34.19
CB MSE A 67 18.70 -6.30 -32.22
CG MSE A 67 17.99 -5.41 -31.19
SE MSE A 67 16.42 -6.24 -30.42
CE MSE A 67 17.30 -7.52 -29.28
N LEU A 68 16.29 -5.06 -34.57
CA LEU A 68 15.81 -3.83 -35.17
C LEU A 68 15.72 -2.78 -34.05
N SER A 69 16.56 -1.76 -34.16
CA SER A 69 16.63 -0.71 -33.16
C SER A 69 16.56 0.68 -33.79
N SER A 70 15.97 0.75 -34.97
CA SER A 70 15.80 2.01 -35.68
C SER A 70 14.35 2.45 -35.46
N PRO A 71 13.95 3.60 -36.03
CA PRO A 71 12.56 4.02 -35.83
C PRO A 71 11.57 2.98 -36.38
N VAL A 72 10.49 2.74 -35.65
CA VAL A 72 9.50 1.76 -36.10
C VAL A 72 9.05 2.02 -37.53
N ARG A 73 9.01 3.29 -37.93
CA ARG A 73 8.61 3.64 -39.29
C ARG A 73 9.51 3.00 -40.33
N THR A 74 10.72 2.63 -39.94
CA THR A 74 11.69 2.03 -40.87
C THR A 74 11.69 0.51 -40.91
N PHE A 75 11.01 -0.11 -39.95
CA PHE A 75 10.96 -1.56 -39.88
C PHE A 75 10.46 -2.25 -41.14
N ARG A 76 9.30 -1.84 -41.64
CA ARG A 76 8.74 -2.47 -42.83
C ARG A 76 9.65 -2.40 -44.05
N GLU A 77 10.24 -1.24 -44.30
CA GLU A 77 11.13 -1.06 -45.44
C GLU A 77 12.40 -1.89 -45.31
N ILE A 78 12.99 -1.88 -44.11
CA ILE A 78 14.21 -2.63 -43.84
C ILE A 78 13.97 -4.14 -43.90
N ALA A 79 12.86 -4.58 -43.30
CA ALA A 79 12.52 -6.00 -43.27
C ALA A 79 12.44 -6.59 -44.68
N LYS A 80 11.79 -5.87 -45.58
CA LYS A 80 11.64 -6.33 -46.96
C LYS A 80 12.98 -6.54 -47.63
N LYS A 81 13.95 -5.67 -47.34
CA LYS A 81 15.27 -5.82 -47.93
C LYS A 81 15.97 -7.00 -47.28
N LEU A 82 15.85 -7.10 -45.96
CA LEU A 82 16.48 -8.19 -45.21
C LEU A 82 15.95 -9.58 -45.59
N SER A 83 14.73 -9.63 -46.10
CA SER A 83 14.11 -10.90 -46.47
C SER A 83 14.92 -11.66 -47.53
N TYR A 84 15.55 -10.94 -48.45
CA TYR A 84 16.34 -11.61 -49.49
C TYR A 84 17.84 -11.54 -49.25
N ILE A 85 18.24 -10.92 -48.15
CA ILE A 85 19.65 -10.83 -47.80
C ILE A 85 19.97 -11.88 -46.74
N LEU A 86 19.10 -11.99 -45.75
CA LEU A 86 19.29 -12.94 -44.66
C LEU A 86 18.94 -14.36 -45.09
N SER A 87 19.63 -15.33 -44.52
CA SER A 87 19.34 -16.73 -44.83
C SER A 87 18.11 -17.06 -43.99
N GLU A 88 17.38 -18.10 -44.38
CA GLU A 88 16.19 -18.53 -43.65
C GLU A 88 16.53 -19.02 -42.25
N ASP A 89 17.83 -19.13 -41.96
CA ASP A 89 18.30 -19.59 -40.67
C ASP A 89 18.47 -18.46 -39.65
N ALA A 90 18.32 -17.22 -40.12
CA ALA A 90 18.47 -16.06 -39.24
C ALA A 90 17.26 -15.76 -38.36
N THR A 91 17.52 -15.11 -37.22
CA THR A 91 16.48 -14.72 -36.28
C THR A 91 16.43 -13.20 -36.25
N VAL A 92 15.22 -12.64 -36.38
CA VAL A 92 15.05 -11.19 -36.37
C VAL A 92 14.05 -10.77 -35.30
N THR A 93 14.48 -9.87 -34.42
CA THR A 93 13.61 -9.39 -33.35
C THR A 93 13.78 -7.87 -33.25
N ASP A 94 12.93 -7.19 -32.50
CA ASP A 94 13.02 -5.73 -32.41
C ASP A 94 12.94 -5.14 -31.00
N GLN A 95 12.97 -3.81 -30.95
CA GLN A 95 12.88 -3.05 -29.71
C GLN A 95 11.78 -2.01 -29.82
N GLY A 96 11.10 -1.98 -30.96
CA GLY A 96 10.03 -1.02 -31.18
C GLY A 96 9.11 -0.83 -29.99
N SER A 97 8.64 0.40 -29.79
CA SER A 97 7.74 0.74 -28.69
C SER A 97 6.33 0.24 -28.95
N VAL A 98 6.02 0.02 -30.21
CA VAL A 98 4.70 -0.46 -30.60
C VAL A 98 4.81 -1.85 -31.24
N LYS A 99 3.75 -2.64 -31.08
CA LYS A 99 3.70 -3.98 -31.64
C LYS A 99 2.45 -3.99 -32.50
N GLY A 100 1.38 -4.63 -32.01
CA GLY A 100 0.14 -4.66 -32.77
C GLY A 100 0.31 -5.11 -34.20
N LYS A 101 -0.28 -4.37 -35.13
CA LYS A 101 -0.23 -4.69 -36.54
C LYS A 101 1.19 -4.87 -37.08
N LEU A 102 2.13 -4.13 -36.51
CA LEU A 102 3.52 -4.19 -36.94
C LEU A 102 4.08 -5.61 -36.86
N VAL A 103 3.67 -6.35 -35.84
CA VAL A 103 4.16 -7.71 -35.65
C VAL A 103 3.69 -8.64 -36.77
N TYR A 104 2.44 -8.50 -37.19
CA TYR A 104 1.90 -9.35 -38.25
C TYR A 104 2.48 -8.98 -39.60
N ASP A 105 2.74 -7.70 -39.82
CA ASP A 105 3.31 -7.27 -41.09
C ASP A 105 4.75 -7.78 -41.20
N LEU A 106 5.48 -7.74 -40.10
CA LEU A 106 6.85 -8.21 -40.11
C LEU A 106 6.93 -9.72 -40.29
N GLU A 107 5.93 -10.44 -39.74
CA GLU A 107 5.90 -11.89 -39.89
C GLU A 107 5.61 -12.24 -41.34
N ASN A 108 4.74 -11.46 -41.98
CA ASN A 108 4.38 -11.71 -43.38
C ASN A 108 5.54 -11.41 -44.32
N ILE A 109 6.50 -10.63 -43.86
CA ILE A 109 7.65 -10.26 -44.69
C ILE A 109 8.90 -11.08 -44.41
N LEU A 110 9.15 -11.38 -43.14
CA LEU A 110 10.33 -12.14 -42.76
C LEU A 110 10.05 -13.61 -42.49
N GLY A 111 8.78 -13.95 -42.32
CA GLY A 111 8.41 -15.34 -42.07
C GLY A 111 8.71 -15.82 -40.67
N LYS A 112 9.10 -17.10 -40.57
CA LYS A 112 9.39 -17.74 -39.29
C LYS A 112 10.58 -17.10 -38.58
N ARG A 113 11.27 -16.18 -39.24
CA ARG A 113 12.42 -15.53 -38.64
C ARG A 113 12.11 -14.48 -37.59
N PHE A 114 10.98 -13.79 -37.75
CA PHE A 114 10.63 -12.71 -36.82
C PHE A 114 9.96 -13.03 -35.49
N VAL A 115 10.42 -12.32 -34.46
CA VAL A 115 9.92 -12.42 -33.10
C VAL A 115 9.82 -10.99 -32.55
N GLY A 116 8.61 -10.55 -32.23
CA GLY A 116 8.40 -9.20 -31.72
C GLY A 116 8.81 -8.99 -30.28
N GLY A 117 9.43 -7.85 -30.00
CA GLY A 117 9.87 -7.54 -28.65
C GLY A 117 9.81 -6.07 -28.29
N HIS A 118 9.77 -5.78 -27.00
CA HIS A 118 9.72 -4.40 -26.49
C HIS A 118 10.28 -4.30 -25.09
N PRO A 119 11.51 -3.79 -24.95
CA PRO A 119 12.13 -3.63 -23.64
C PRO A 119 11.56 -2.38 -22.97
N ILE A 120 11.14 -2.51 -21.72
CA ILE A 120 10.57 -1.37 -21.01
C ILE A 120 11.66 -0.66 -20.21
N ALA A 121 12.54 0.02 -20.95
CA ALA A 121 13.65 0.75 -20.36
C ALA A 121 14.01 1.91 -21.28
N GLY A 122 15.10 2.60 -20.94
CA GLY A 122 15.54 3.74 -21.75
C GLY A 122 14.98 5.05 -21.25
N THR A 123 15.87 5.93 -20.80
CA THR A 123 15.46 7.23 -20.28
C THR A 123 15.18 8.23 -21.39
N GLU A 124 14.64 7.73 -22.50
CA GLU A 124 14.30 8.55 -23.65
C GLU A 124 15.50 9.21 -24.35
N LYS A 125 16.68 9.09 -23.76
CA LYS A 125 17.89 9.68 -24.34
C LYS A 125 18.04 9.30 -25.80
N SER A 126 18.77 10.12 -26.55
CA SER A 126 18.98 9.86 -27.97
C SER A 126 20.45 9.95 -28.35
N GLY A 127 20.93 8.96 -29.10
CA GLY A 127 22.32 8.95 -29.52
C GLY A 127 23.07 7.78 -28.92
N VAL A 128 23.83 7.08 -29.76
CA VAL A 128 24.60 5.92 -29.32
C VAL A 128 25.62 6.33 -28.25
N GLU A 129 25.87 7.63 -28.17
CA GLU A 129 26.82 8.17 -27.20
C GLU A 129 26.29 8.06 -25.78
N TYR A 130 24.98 7.85 -25.64
CA TYR A 130 24.35 7.73 -24.34
C TYR A 130 23.99 6.30 -23.96
N SER A 131 24.25 5.35 -24.85
CA SER A 131 23.93 3.95 -24.59
C SER A 131 24.65 3.45 -23.34
N LEU A 132 24.01 2.51 -22.64
CA LEU A 132 24.57 1.93 -21.42
C LEU A 132 24.58 0.41 -21.48
N ASP A 133 25.47 -0.21 -20.71
CA ASP A 133 25.57 -1.67 -20.70
C ASP A 133 24.79 -2.31 -19.56
N ASN A 134 23.76 -1.63 -19.06
CA ASN A 134 22.95 -2.18 -17.97
C ASN A 134 21.53 -1.69 -18.10
N LEU A 135 21.25 -0.99 -19.18
CA LEU A 135 19.93 -0.43 -19.44
C LEU A 135 18.77 -1.39 -19.21
N TYR A 136 18.99 -2.68 -19.40
CA TYR A 136 17.94 -3.68 -19.24
C TYR A 136 17.93 -4.41 -17.90
N GLU A 137 19.02 -4.28 -17.13
CA GLU A 137 19.13 -4.96 -15.84
C GLU A 137 17.89 -4.82 -14.96
N GLY A 138 17.16 -5.91 -14.80
CA GLY A 138 15.96 -5.90 -13.96
C GLY A 138 14.72 -5.36 -14.65
N LYS A 139 14.91 -4.66 -15.77
CA LYS A 139 13.79 -4.09 -16.51
C LYS A 139 12.91 -5.18 -17.14
N LYS A 140 11.67 -4.81 -17.48
CA LYS A 140 10.75 -5.76 -18.09
C LYS A 140 10.95 -5.78 -19.60
N VAL A 141 10.70 -6.93 -20.20
CA VAL A 141 10.81 -7.10 -21.65
C VAL A 141 9.58 -7.85 -22.13
N ILE A 142 8.81 -7.21 -22.99
CA ILE A 142 7.59 -7.81 -23.52
C ILE A 142 7.80 -8.40 -24.90
N LEU A 143 7.61 -9.71 -25.01
CA LEU A 143 7.73 -10.39 -26.29
C LEU A 143 6.29 -10.66 -26.70
N THR A 144 6.00 -10.49 -27.98
CA THR A 144 4.64 -10.69 -28.47
C THR A 144 4.55 -11.82 -29.49
N PRO A 145 4.61 -13.07 -29.00
CA PRO A 145 4.53 -14.21 -29.91
C PRO A 145 3.10 -14.41 -30.41
N THR A 146 2.96 -15.01 -31.58
CA THR A 146 1.66 -15.30 -32.16
C THR A 146 1.61 -16.80 -32.44
N LYS A 147 0.64 -17.22 -33.24
CA LYS A 147 0.52 -18.65 -33.56
C LYS A 147 1.58 -19.04 -34.60
N LYS A 148 1.94 -18.09 -35.46
CA LYS A 148 2.93 -18.33 -36.51
C LYS A 148 4.35 -18.21 -35.97
N THR A 149 4.49 -17.78 -34.72
CA THR A 149 5.81 -17.62 -34.10
C THR A 149 6.52 -18.95 -33.91
N ASP A 150 7.82 -18.96 -34.18
CA ASP A 150 8.64 -20.16 -34.04
C ASP A 150 9.10 -20.35 -32.60
N LYS A 151 8.61 -21.41 -31.96
CA LYS A 151 8.94 -21.71 -30.58
C LYS A 151 10.43 -21.69 -30.27
N LYS A 152 11.23 -22.21 -31.19
CA LYS A 152 12.67 -22.24 -31.00
C LYS A 152 13.24 -20.83 -30.99
N ARG A 153 12.77 -19.98 -31.91
CA ARG A 153 13.24 -18.61 -31.99
C ARG A 153 12.74 -17.77 -30.82
N LEU A 154 11.55 -18.08 -30.33
CA LEU A 154 10.99 -17.35 -29.19
C LEU A 154 11.85 -17.60 -27.96
N LYS A 155 12.11 -18.87 -27.69
CA LYS A 155 12.92 -19.27 -26.54
C LYS A 155 14.30 -18.64 -26.63
N LEU A 156 14.85 -18.61 -27.84
CA LEU A 156 16.16 -18.03 -28.06
C LEU A 156 16.16 -16.56 -27.61
N VAL A 157 15.34 -15.76 -28.28
CA VAL A 157 15.22 -14.34 -27.97
C VAL A 157 14.93 -14.09 -26.49
N LYS A 158 14.12 -14.96 -25.88
CA LYS A 158 13.80 -14.83 -24.47
C LYS A 158 15.05 -14.98 -23.62
N ARG A 159 15.80 -16.06 -23.84
CA ARG A 159 17.01 -16.29 -23.08
C ARG A 159 18.02 -15.16 -23.22
N VAL A 160 18.12 -14.59 -24.42
CA VAL A 160 19.06 -13.50 -24.67
C VAL A 160 18.73 -12.29 -23.80
N TRP A 161 17.47 -11.88 -23.81
CA TRP A 161 17.03 -10.75 -23.00
C TRP A 161 17.33 -11.00 -21.53
N GLU A 162 17.06 -12.22 -21.08
CA GLU A 162 17.32 -12.58 -19.69
C GLU A 162 18.81 -12.51 -19.39
N ASP A 163 19.63 -12.80 -20.40
CA ASP A 163 21.07 -12.77 -20.24
C ASP A 163 21.58 -11.35 -20.04
N VAL A 164 20.77 -10.37 -20.43
CA VAL A 164 21.15 -8.98 -20.26
C VAL A 164 20.32 -8.38 -19.13
N GLY A 165 19.90 -9.24 -18.20
CA GLY A 165 19.13 -8.79 -17.04
C GLY A 165 17.63 -8.59 -17.21
N GLY A 166 17.13 -8.74 -18.42
CA GLY A 166 15.71 -8.53 -18.66
C GLY A 166 14.78 -9.54 -17.99
N VAL A 167 13.57 -9.10 -17.70
CA VAL A 167 12.54 -9.94 -17.08
C VAL A 167 11.43 -10.09 -18.12
N VAL A 168 11.43 -11.22 -18.81
CA VAL A 168 10.48 -11.47 -19.87
C VAL A 168 9.09 -12.00 -19.49
N GLU A 169 8.09 -11.52 -20.22
CA GLU A 169 6.71 -11.91 -20.06
C GLU A 169 6.09 -11.79 -21.45
N TYR A 170 5.01 -12.53 -21.70
CA TYR A 170 4.38 -12.51 -23.02
C TYR A 170 3.03 -11.82 -23.08
N MSE A 171 2.76 -11.17 -24.21
CA MSE A 171 1.51 -10.48 -24.46
C MSE A 171 1.21 -10.59 -25.93
O MSE A 171 2.13 -10.63 -26.74
CB MSE A 171 1.62 -8.99 -24.11
CG MSE A 171 1.76 -8.65 -22.65
SE MSE A 171 1.68 -6.72 -22.42
CE MSE A 171 -0.16 -6.43 -22.90
N SER A 172 -0.06 -10.63 -26.31
CA SER A 172 -0.39 -10.69 -27.72
C SER A 172 -0.06 -9.31 -28.28
N PRO A 173 0.18 -9.21 -29.59
CA PRO A 173 0.50 -7.93 -30.21
C PRO A 173 -0.55 -6.86 -29.90
N GLU A 174 -1.82 -7.25 -29.93
CA GLU A 174 -2.91 -6.33 -29.67
C GLU A 174 -3.05 -5.93 -28.21
N LEU A 175 -2.84 -6.86 -27.30
CA LEU A 175 -2.94 -6.53 -25.88
C LEU A 175 -1.83 -5.56 -25.50
N HIS A 176 -0.64 -5.76 -26.06
CA HIS A 176 0.49 -4.87 -25.77
C HIS A 176 0.14 -3.44 -26.15
N ASP A 177 -0.37 -3.24 -27.35
CA ASP A 177 -0.72 -1.89 -27.81
C ASP A 177 -1.88 -1.28 -27.04
N TYR A 178 -2.75 -2.12 -26.51
CA TYR A 178 -3.87 -1.59 -25.75
C TYR A 178 -3.34 -1.09 -24.41
N VAL A 179 -2.62 -1.97 -23.72
CA VAL A 179 -2.08 -1.64 -22.41
C VAL A 179 -1.18 -0.39 -22.44
N PHE A 180 -0.21 -0.38 -23.33
CA PHE A 180 0.69 0.76 -23.41
C PHE A 180 0.05 1.97 -24.04
N GLY A 181 -1.06 1.75 -24.74
CA GLY A 181 -1.78 2.86 -25.32
C GLY A 181 -2.36 3.66 -24.16
N VAL A 182 -2.79 2.96 -23.12
CA VAL A 182 -3.38 3.63 -21.96
C VAL A 182 -2.36 4.08 -20.90
N VAL A 183 -1.42 3.20 -20.53
CA VAL A 183 -0.45 3.53 -19.49
C VAL A 183 0.76 4.35 -19.91
N SER A 184 0.99 4.49 -21.21
CA SER A 184 2.14 5.23 -21.70
C SER A 184 1.81 6.31 -22.72
N HIS A 185 1.12 5.93 -23.79
CA HIS A 185 0.79 6.90 -24.83
C HIS A 185 -0.16 7.98 -24.34
N LEU A 186 -1.23 7.57 -23.66
CA LEU A 186 -2.21 8.54 -23.14
C LEU A 186 -1.53 9.57 -22.24
N PRO A 187 -0.71 9.11 -21.27
CA PRO A 187 -0.03 10.05 -20.37
C PRO A 187 0.82 11.06 -21.13
N HIS A 188 1.44 10.61 -22.22
CA HIS A 188 2.26 11.52 -23.02
C HIS A 188 1.36 12.48 -23.79
N ALA A 189 0.29 11.97 -24.38
CA ALA A 189 -0.65 12.82 -25.11
C ALA A 189 -1.18 13.91 -24.19
N VAL A 190 -1.47 13.52 -22.94
CA VAL A 190 -1.98 14.45 -21.95
C VAL A 190 -0.97 15.57 -21.65
N ALA A 191 0.30 15.20 -21.53
CA ALA A 191 1.35 16.18 -21.25
C ALA A 191 1.50 17.17 -22.42
N PHE A 192 1.49 16.64 -23.63
CA PHE A 192 1.60 17.50 -24.81
C PHE A 192 0.45 18.50 -24.79
N ALA A 193 -0.74 18.01 -24.46
CA ALA A 193 -1.93 18.86 -24.41
C ALA A 193 -1.83 19.91 -23.29
N LEU A 194 -1.26 19.53 -22.15
CA LEU A 194 -1.08 20.45 -21.02
C LEU A 194 -0.18 21.61 -21.46
N VAL A 195 0.88 21.29 -22.19
CA VAL A 195 1.81 22.30 -22.67
C VAL A 195 1.05 23.23 -23.62
N ASP A 196 0.26 22.67 -24.53
CA ASP A 196 -0.49 23.51 -25.45
C ASP A 196 -1.41 24.43 -24.66
N THR A 197 -1.99 23.89 -23.59
CA THR A 197 -2.90 24.64 -22.74
C THR A 197 -2.24 25.86 -22.08
N LEU A 198 -1.05 25.65 -21.51
CA LEU A 198 -0.35 26.74 -20.86
C LEU A 198 0.00 27.80 -21.90
N ILE A 199 0.32 27.37 -23.12
CA ILE A 199 0.63 28.33 -24.18
C ILE A 199 -0.59 29.21 -24.46
N HIS A 200 -1.75 28.59 -24.68
CA HIS A 200 -2.96 29.34 -24.97
C HIS A 200 -3.69 30.02 -23.81
N MSE A 201 -3.42 29.59 -22.58
CA MSE A 201 -4.07 30.23 -21.44
C MSE A 201 -3.19 31.30 -20.80
O MSE A 201 -3.62 32.00 -19.88
CB MSE A 201 -4.53 29.18 -20.41
CG MSE A 201 -5.70 28.38 -20.95
SE MSE A 201 -6.69 27.33 -19.68
CE MSE A 201 -7.73 28.73 -18.83
N SER A 202 -1.97 31.44 -21.29
CA SER A 202 -1.10 32.48 -20.79
C SER A 202 -1.71 33.78 -21.33
N THR A 203 -1.49 34.89 -20.64
CA THR A 203 -2.03 36.16 -21.10
C THR A 203 -0.97 37.24 -21.04
N PRO A 204 -1.30 38.46 -21.49
CA PRO A 204 -0.34 39.57 -21.47
C PRO A 204 0.19 39.87 -20.07
N GLU A 205 -0.61 39.55 -19.06
CA GLU A 205 -0.20 39.80 -17.68
C GLU A 205 0.36 38.57 -16.97
N VAL A 206 0.65 37.51 -17.72
CA VAL A 206 1.23 36.32 -17.10
C VAL A 206 1.64 35.18 -18.03
N ASP A 207 2.89 34.76 -17.87
CA ASP A 207 3.48 33.66 -18.63
C ASP A 207 3.38 32.47 -17.67
N LEU A 208 2.42 31.58 -17.94
CA LEU A 208 2.19 30.42 -17.08
C LEU A 208 3.37 29.48 -16.89
N PHE A 209 4.30 29.46 -17.83
CA PHE A 209 5.45 28.56 -17.71
C PHE A 209 6.40 28.97 -16.58
N LYS A 210 6.20 30.17 -16.04
CA LYS A 210 7.04 30.66 -14.95
C LYS A 210 6.65 30.06 -13.59
N TYR A 211 5.62 29.21 -13.57
CA TYR A 211 5.16 28.62 -12.31
C TYR A 211 4.98 27.11 -12.40
N PRO A 212 6.08 26.34 -12.39
CA PRO A 212 6.06 24.87 -12.48
C PRO A 212 6.00 24.14 -11.15
N GLY A 213 6.11 24.87 -10.04
CA GLY A 213 6.11 24.22 -8.74
C GLY A 213 4.75 23.83 -8.20
N GLY A 214 3.69 24.15 -8.91
CA GLY A 214 2.37 23.81 -8.42
C GLY A 214 1.88 22.43 -8.84
N GLY A 215 2.76 21.64 -9.43
CA GLY A 215 2.37 20.30 -9.86
C GLY A 215 2.61 20.07 -11.33
N PHE A 216 2.86 21.16 -12.06
CA PHE A 216 3.10 21.07 -13.48
C PHE A 216 4.44 20.41 -13.79
N LYS A 217 5.41 20.54 -12.88
CA LYS A 217 6.72 19.94 -13.12
C LYS A 217 6.61 18.44 -13.37
N ASP A 218 5.62 17.80 -12.74
CA ASP A 218 5.42 16.36 -12.94
C ASP A 218 5.32 16.05 -14.43
N PHE A 219 4.75 16.98 -15.19
CA PHE A 219 4.57 16.82 -16.64
C PHE A 219 5.71 17.44 -17.43
N ALA A 223 8.20 16.89 -23.28
CA ALA A 223 9.29 17.11 -22.33
C ALA A 223 10.63 16.86 -23.03
N LYS A 224 11.28 15.76 -22.65
CA LYS A 224 12.55 15.39 -23.27
C LYS A 224 12.20 14.43 -24.40
N SER A 225 10.90 14.19 -24.55
CA SER A 225 10.40 13.28 -25.58
C SER A 225 10.82 13.74 -26.96
N ASP A 226 10.60 12.89 -27.96
CA ASP A 226 10.93 13.20 -29.34
C ASP A 226 9.64 13.36 -30.14
N PRO A 227 9.36 14.58 -30.61
CA PRO A 227 8.16 14.89 -31.38
C PRO A 227 7.90 13.94 -32.55
N ILE A 228 8.98 13.52 -33.21
CA ILE A 228 8.87 12.61 -34.33
C ILE A 228 8.47 11.22 -33.87
N MSE A 229 9.13 10.71 -32.82
CA MSE A 229 8.82 9.38 -32.32
C MSE A 229 7.35 9.32 -31.89
O MSE A 229 6.64 8.38 -32.25
CB MSE A 229 9.71 9.03 -31.12
CG MSE A 229 9.40 7.65 -30.52
SE MSE A 229 10.53 7.15 -29.01
CE MSE A 229 9.34 7.63 -27.56
N TRP A 230 6.90 10.31 -31.13
CA TRP A 230 5.52 10.32 -30.68
C TRP A 230 4.52 10.51 -31.81
N ARG A 231 4.92 11.22 -32.86
CA ARG A 231 4.02 11.39 -34.00
C ARG A 231 3.83 10.01 -34.63
N ASP A 232 4.90 9.23 -34.64
CA ASP A 232 4.84 7.89 -35.22
C ASP A 232 4.04 6.96 -34.31
N ILE A 233 4.26 7.05 -33.02
CA ILE A 233 3.54 6.20 -32.08
C ILE A 233 2.04 6.51 -32.15
N PHE A 234 1.69 7.80 -32.14
CA PHE A 234 0.28 8.18 -32.21
C PHE A 234 -0.36 7.70 -33.51
N LEU A 235 0.42 7.62 -34.58
CA LEU A 235 -0.10 7.13 -35.86
C LEU A 235 -0.23 5.62 -35.84
N GLU A 236 0.86 4.95 -35.46
CA GLU A 236 0.91 3.50 -35.41
C GLU A 236 -0.11 2.88 -34.46
N ASN A 237 -0.41 3.55 -33.35
CA ASN A 237 -1.37 3.03 -32.37
C ASN A 237 -2.60 3.92 -32.30
N LYS A 238 -2.97 4.53 -33.42
CA LYS A 238 -4.11 5.44 -33.48
C LYS A 238 -5.39 5.00 -32.77
N GLU A 239 -5.87 3.80 -33.08
CA GLU A 239 -7.11 3.35 -32.47
C GLU A 239 -7.07 3.30 -30.95
N ASN A 240 -6.06 2.65 -30.39
CA ASN A 240 -5.93 2.56 -28.94
C ASN A 240 -5.71 3.93 -28.29
N VAL A 241 -4.88 4.76 -28.89
CA VAL A 241 -4.63 6.09 -28.35
C VAL A 241 -5.95 6.88 -28.34
N MSE A 242 -6.72 6.77 -29.41
CA MSE A 242 -8.00 7.46 -29.48
C MSE A 242 -8.93 6.96 -28.38
O MSE A 242 -9.59 7.75 -27.70
CB MSE A 242 -8.64 7.26 -30.86
CG MSE A 242 -7.92 8.00 -31.98
SE MSE A 242 -7.79 9.88 -31.58
CE MSE A 242 -9.69 10.24 -31.38
N LYS A 243 -8.99 5.64 -28.21
CA LYS A 243 -9.83 5.04 -27.17
C LYS A 243 -9.39 5.50 -25.79
N ALA A 244 -8.07 5.52 -25.58
CA ALA A 244 -7.49 5.93 -24.30
C ALA A 244 -7.84 7.39 -23.98
N ILE A 245 -7.72 8.27 -24.97
CA ILE A 245 -8.05 9.68 -24.77
C ILE A 245 -9.53 9.83 -24.45
N GLU A 246 -10.37 9.05 -25.12
CA GLU A 246 -11.81 9.11 -24.87
C GLU A 246 -12.12 8.57 -23.48
N GLY A 247 -11.39 7.53 -23.07
CA GLY A 247 -11.58 6.97 -21.76
C GLY A 247 -11.19 7.99 -20.72
N PHE A 248 -10.07 8.65 -20.96
CA PHE A 248 -9.55 9.68 -20.07
C PHE A 248 -10.52 10.86 -19.94
N GLU A 249 -11.07 11.31 -21.07
CA GLU A 249 -12.00 12.44 -21.01
C GLU A 249 -13.26 12.07 -20.26
N LYS A 250 -13.60 10.78 -20.22
CA LYS A 250 -14.78 10.35 -19.48
C LYS A 250 -14.49 10.51 -17.99
N SER A 251 -13.29 10.12 -17.56
CA SER A 251 -12.92 10.26 -16.16
C SER A 251 -12.78 11.72 -15.74
N LEU A 252 -12.17 12.53 -16.61
CA LEU A 252 -11.98 13.95 -16.32
C LEU A 252 -13.32 14.70 -16.30
N ASN A 253 -14.23 14.33 -17.19
CA ASN A 253 -15.52 15.00 -17.22
C ASN A 253 -16.39 14.62 -16.03
N HIS A 254 -16.21 13.40 -15.53
CA HIS A 254 -16.94 12.94 -14.36
C HIS A 254 -16.45 13.80 -13.20
N LEU A 255 -15.14 14.01 -13.14
CA LEU A 255 -14.56 14.85 -12.09
C LEU A 255 -15.09 16.29 -12.23
N LYS A 256 -15.02 16.82 -13.44
CA LYS A 256 -15.50 18.18 -13.71
C LYS A 256 -16.93 18.38 -13.22
N GLU A 257 -17.80 17.42 -13.54
CA GLU A 257 -19.19 17.49 -13.13
C GLU A 257 -19.35 17.51 -11.61
N LEU A 258 -18.56 16.73 -10.90
CA LEU A 258 -18.66 16.73 -9.44
C LEU A 258 -18.34 18.12 -8.92
N ILE A 259 -17.49 18.83 -9.66
CA ILE A 259 -17.10 20.19 -9.27
C ILE A 259 -18.18 21.20 -9.64
N VAL A 260 -18.72 21.06 -10.85
CA VAL A 260 -19.76 21.96 -11.31
C VAL A 260 -20.96 21.99 -10.37
N ARG A 261 -21.40 20.84 -9.89
CA ARG A 261 -22.54 20.81 -8.99
C ARG A 261 -22.16 20.79 -7.52
N GLU A 262 -20.87 20.95 -7.25
CA GLU A 262 -20.37 20.97 -5.89
C GLU A 262 -20.81 19.76 -5.05
N ALA A 263 -20.58 18.55 -5.57
CA ALA A 263 -20.93 17.33 -4.84
C ALA A 263 -19.78 17.10 -3.87
N GLU A 264 -19.78 17.85 -2.78
CA GLU A 264 -18.70 17.78 -1.79
C GLU A 264 -18.30 16.39 -1.31
N GLU A 265 -19.27 15.54 -0.96
CA GLU A 265 -18.95 14.20 -0.49
C GLU A 265 -18.53 13.25 -1.61
N GLU A 266 -19.21 13.33 -2.76
CA GLU A 266 -18.86 12.46 -3.85
C GLU A 266 -17.47 12.82 -4.40
N LEU A 267 -17.12 14.09 -4.33
CA LEU A 267 -15.81 14.53 -4.83
C LEU A 267 -14.72 13.94 -3.95
N VAL A 268 -14.88 14.02 -2.63
CA VAL A 268 -13.88 13.46 -1.74
C VAL A 268 -13.75 11.96 -1.96
N GLU A 269 -14.86 11.26 -2.20
CA GLU A 269 -14.79 9.83 -2.43
C GLU A 269 -14.06 9.50 -3.72
N TYR A 270 -14.25 10.34 -4.74
CA TYR A 270 -13.60 10.14 -6.02
C TYR A 270 -12.09 10.23 -5.83
N LEU A 271 -11.68 11.27 -5.10
CA LEU A 271 -10.27 11.54 -4.85
C LEU A 271 -9.64 10.51 -3.94
N LYS A 272 -10.42 10.05 -2.96
CA LYS A 272 -9.94 9.04 -2.04
C LYS A 272 -9.64 7.72 -2.76
N GLU A 273 -10.51 7.32 -3.67
CA GLU A 273 -10.31 6.07 -4.39
C GLU A 273 -9.06 6.14 -5.25
N VAL A 274 -8.91 7.25 -5.97
CA VAL A 274 -7.74 7.43 -6.81
C VAL A 274 -6.47 7.43 -5.97
N LYS A 275 -6.52 8.06 -4.79
CA LYS A 275 -5.33 8.10 -3.94
C LYS A 275 -4.90 6.70 -3.53
N ILE A 276 -5.87 5.89 -3.09
CA ILE A 276 -5.59 4.52 -2.67
C ILE A 276 -4.99 3.70 -3.81
N LYS A 277 -5.58 3.84 -5.00
CA LYS A 277 -5.10 3.10 -6.17
C LYS A 277 -3.67 3.53 -6.53
N ARG A 278 -3.41 4.84 -6.48
CA ARG A 278 -2.08 5.33 -6.81
C ARG A 278 -1.04 4.89 -5.76
N MSE A 279 -1.47 4.80 -4.50
CA MSE A 279 -0.54 4.36 -3.46
C MSE A 279 -0.17 2.90 -3.62
O MSE A 279 0.97 2.51 -3.34
CB MSE A 279 -1.15 4.56 -2.07
CG MSE A 279 -1.35 6.00 -1.67
SE MSE A 279 -1.84 6.15 0.19
CE MSE A 279 -3.68 5.56 0.07
N GLU A 280 -1.12 2.09 -4.08
CA GLU A 280 -0.89 0.66 -4.25
C GLU A 280 -0.02 0.34 -5.46
N ILE A 281 0.45 1.38 -6.15
CA ILE A 281 1.31 1.21 -7.33
C ILE A 281 2.78 1.26 -6.91
N GLN B 2 20.08 -43.58 -5.39
CA GLN B 2 18.94 -43.07 -6.20
C GLN B 2 19.14 -41.62 -6.61
N ASN B 3 18.38 -41.18 -7.60
CA ASN B 3 18.46 -39.82 -8.09
C ASN B 3 17.20 -39.04 -7.76
N VAL B 4 17.30 -38.15 -6.77
CA VAL B 4 16.17 -37.35 -6.36
C VAL B 4 16.19 -36.05 -7.13
N LEU B 5 15.02 -35.63 -7.61
CA LEU B 5 14.92 -34.39 -8.36
C LEU B 5 13.97 -33.40 -7.70
N ILE B 6 14.50 -32.23 -7.38
CA ILE B 6 13.71 -31.17 -6.77
C ILE B 6 13.22 -30.25 -7.89
N VAL B 7 11.91 -30.13 -8.06
CA VAL B 7 11.33 -29.25 -9.07
C VAL B 7 10.88 -28.01 -8.31
N GLY B 8 11.53 -26.88 -8.60
CA GLY B 8 11.21 -25.65 -7.89
C GLY B 8 12.16 -25.63 -6.71
N VAL B 9 13.35 -25.08 -6.92
CA VAL B 9 14.35 -25.03 -5.86
C VAL B 9 14.19 -23.75 -5.05
N GLY B 10 13.14 -23.72 -4.23
CA GLY B 10 12.89 -22.56 -3.39
C GLY B 10 12.94 -22.94 -1.93
N PHE B 11 12.17 -22.24 -1.11
CA PHE B 11 12.14 -22.52 0.32
C PHE B 11 11.75 -23.96 0.64
N MSE B 12 10.63 -24.41 0.11
CA MSE B 12 10.16 -25.76 0.37
C MSE B 12 11.02 -26.82 -0.32
O MSE B 12 11.45 -27.79 0.30
CB MSE B 12 8.69 -25.91 -0.06
CG MSE B 12 7.75 -24.97 0.69
SE MSE B 12 7.70 -25.28 2.63
CE MSE B 12 6.59 -26.86 2.64
N GLY B 13 11.29 -26.62 -1.61
CA GLY B 13 12.11 -27.56 -2.34
C GLY B 13 13.49 -27.66 -1.69
N GLY B 14 14.03 -26.51 -1.28
CA GLY B 14 15.33 -26.50 -0.64
C GLY B 14 15.31 -27.16 0.72
N SER B 15 14.20 -27.05 1.42
CA SER B 15 14.07 -27.63 2.75
C SER B 15 13.98 -29.16 2.66
N PHE B 16 13.32 -29.66 1.63
CA PHE B 16 13.20 -31.10 1.47
C PHE B 16 14.58 -31.68 1.22
N ALA B 17 15.34 -31.01 0.35
CA ALA B 17 16.69 -31.43 0.00
C ALA B 17 17.60 -31.54 1.23
N LYS B 18 17.64 -30.48 2.02
CA LYS B 18 18.47 -30.46 3.22
C LYS B 18 18.00 -31.48 4.23
N SER B 19 16.68 -31.54 4.44
CA SER B 19 16.11 -32.48 5.40
C SER B 19 16.45 -33.90 4.97
N LEU B 20 16.45 -34.11 3.66
CA LEU B 20 16.76 -35.42 3.09
C LEU B 20 18.19 -35.82 3.44
N ARG B 21 19.12 -34.88 3.33
CA ARG B 21 20.53 -35.14 3.63
C ARG B 21 20.77 -35.34 5.12
N ARG B 22 20.21 -34.46 5.93
CA ARG B 22 20.37 -34.53 7.37
C ARG B 22 20.00 -35.91 7.89
N SER B 23 18.98 -36.52 7.28
CA SER B 23 18.52 -37.84 7.69
C SER B 23 19.54 -38.92 7.36
N GLY B 24 20.47 -38.60 6.45
CA GLY B 24 21.49 -39.56 6.08
C GLY B 24 21.49 -39.98 4.63
N PHE B 25 20.63 -39.38 3.81
CA PHE B 25 20.56 -39.72 2.39
C PHE B 25 21.95 -39.60 1.78
N LYS B 26 22.39 -40.64 1.09
CA LYS B 26 23.72 -40.65 0.46
C LYS B 26 23.65 -40.54 -1.06
N GLY B 27 22.46 -40.72 -1.62
CA GLY B 27 22.31 -40.64 -3.07
C GLY B 27 22.56 -39.26 -3.64
N LYS B 28 22.10 -39.05 -4.87
CA LYS B 28 22.26 -37.76 -5.54
C LYS B 28 20.97 -36.95 -5.50
N ILE B 29 21.11 -35.65 -5.26
CA ILE B 29 19.97 -34.75 -5.21
C ILE B 29 20.13 -33.74 -6.34
N TYR B 30 19.23 -33.81 -7.31
CA TYR B 30 19.27 -32.91 -8.46
C TYR B 30 18.20 -31.86 -8.35
N GLY B 31 18.32 -30.80 -9.15
CA GLY B 31 17.35 -29.74 -9.10
C GLY B 31 17.01 -29.15 -10.46
N TYR B 32 15.77 -28.68 -10.58
CA TYR B 32 15.27 -28.05 -11.81
C TYR B 32 14.49 -26.81 -11.40
N ASP B 33 14.84 -25.68 -11.99
CA ASP B 33 14.18 -24.41 -11.68
C ASP B 33 14.36 -23.50 -12.89
N ILE B 34 13.35 -22.69 -13.19
CA ILE B 34 13.45 -21.79 -14.32
C ILE B 34 14.41 -20.64 -14.03
N ASN B 35 14.72 -20.44 -12.75
CA ASN B 35 15.62 -19.36 -12.35
C ASN B 35 17.05 -19.85 -12.15
N PRO B 36 17.99 -19.35 -12.96
CA PRO B 36 19.41 -19.72 -12.90
C PRO B 36 20.04 -19.45 -11.53
N GLU B 37 19.69 -18.32 -10.95
CA GLU B 37 20.21 -17.91 -9.65
C GLU B 37 19.83 -18.92 -8.57
N SER B 38 18.67 -19.58 -8.74
CA SER B 38 18.22 -20.57 -7.77
C SER B 38 19.12 -21.80 -7.80
N ILE B 39 19.34 -22.33 -9.00
CA ILE B 39 20.19 -23.50 -9.18
C ILE B 39 21.61 -23.23 -8.71
N SER B 40 22.16 -22.11 -9.17
CA SER B 40 23.52 -21.71 -8.82
C SER B 40 23.79 -21.71 -7.31
N LYS B 41 23.08 -20.88 -6.57
CA LYS B 41 23.29 -20.82 -5.12
C LYS B 41 22.91 -22.11 -4.42
N ALA B 42 21.94 -22.82 -4.98
CA ALA B 42 21.52 -24.09 -4.40
C ALA B 42 22.72 -25.02 -4.40
N VAL B 43 23.48 -24.99 -5.49
CA VAL B 43 24.67 -25.82 -5.64
C VAL B 43 25.75 -25.38 -4.67
N ASP B 44 25.99 -24.07 -4.61
CA ASP B 44 27.02 -23.53 -3.72
C ASP B 44 26.67 -23.73 -2.26
N LEU B 45 25.38 -23.78 -1.95
CA LEU B 45 24.94 -23.98 -0.57
C LEU B 45 24.87 -25.46 -0.25
N GLY B 46 25.34 -26.29 -1.17
CA GLY B 46 25.33 -27.72 -0.97
C GLY B 46 23.93 -28.29 -0.80
N ILE B 47 22.95 -27.60 -1.35
CA ILE B 47 21.56 -28.05 -1.25
C ILE B 47 21.29 -29.13 -2.28
N ILE B 48 21.79 -28.92 -3.50
CA ILE B 48 21.64 -29.89 -4.59
C ILE B 48 23.02 -30.18 -5.17
N ASP B 49 23.22 -31.39 -5.69
CA ASP B 49 24.50 -31.78 -6.27
C ASP B 49 24.77 -31.07 -7.59
N GLU B 50 23.71 -30.82 -8.35
CA GLU B 50 23.79 -30.15 -9.63
C GLU B 50 22.37 -29.81 -10.02
N GLY B 51 22.20 -28.89 -10.96
CA GLY B 51 20.87 -28.51 -11.39
C GLY B 51 20.82 -28.03 -12.83
N THR B 52 19.66 -27.52 -13.25
CA THR B 52 19.49 -27.03 -14.61
C THR B 52 18.17 -26.25 -14.76
N THR B 53 18.07 -25.47 -15.83
CA THR B 53 16.87 -24.69 -16.09
C THR B 53 16.15 -25.22 -17.32
N SER B 54 16.70 -26.27 -17.91
CA SER B 54 16.09 -26.89 -19.08
C SER B 54 15.42 -28.18 -18.63
N ILE B 55 14.09 -28.18 -18.65
CA ILE B 55 13.34 -29.34 -18.22
C ILE B 55 13.70 -30.58 -19.03
N ALA B 56 14.06 -30.39 -20.28
CA ALA B 56 14.45 -31.52 -21.14
C ALA B 56 15.74 -32.16 -20.63
N LYS B 57 16.65 -31.33 -20.15
CA LYS B 57 17.93 -31.82 -19.65
C LYS B 57 17.79 -32.66 -18.38
N VAL B 58 16.58 -32.75 -17.85
CA VAL B 58 16.32 -33.53 -16.66
C VAL B 58 16.66 -35.01 -16.85
N GLU B 59 16.50 -35.52 -18.06
CA GLU B 59 16.79 -36.94 -18.33
C GLU B 59 18.25 -37.31 -18.03
N ASP B 60 19.15 -36.35 -18.15
CA ASP B 60 20.57 -36.62 -17.87
C ASP B 60 20.72 -36.96 -16.39
N PHE B 61 19.75 -36.53 -15.60
CA PHE B 61 19.76 -36.79 -14.17
C PHE B 61 19.15 -38.16 -13.90
N SER B 62 18.30 -38.63 -14.82
CA SER B 62 17.64 -39.92 -14.70
C SER B 62 16.96 -40.03 -13.33
N PRO B 63 16.06 -39.07 -13.01
CA PRO B 63 15.34 -39.05 -11.73
C PRO B 63 14.41 -40.23 -11.49
N ASP B 64 14.50 -40.83 -10.31
CA ASP B 64 13.62 -41.94 -9.93
C ASP B 64 12.68 -41.48 -8.82
N PHE B 65 12.90 -40.25 -8.34
CA PHE B 65 12.07 -39.67 -7.30
C PHE B 65 12.00 -38.17 -7.53
N VAL B 66 10.80 -37.66 -7.77
CA VAL B 66 10.63 -36.23 -8.03
C VAL B 66 9.72 -35.57 -7.00
N MSE B 67 10.10 -34.38 -6.57
CA MSE B 67 9.31 -33.63 -5.60
C MSE B 67 8.93 -32.28 -6.19
O MSE B 67 9.77 -31.38 -6.30
CB MSE B 67 10.11 -33.43 -4.30
CG MSE B 67 9.39 -32.62 -3.22
SE MSE B 67 7.80 -33.47 -2.50
CE MSE B 67 8.62 -34.85 -1.42
N LEU B 68 7.68 -32.15 -6.60
CA LEU B 68 7.16 -30.90 -7.16
C LEU B 68 7.07 -29.92 -6.00
N SER B 69 7.90 -28.89 -6.05
CA SER B 69 7.97 -27.88 -5.00
C SER B 69 7.97 -26.49 -5.60
N SER B 70 7.36 -26.37 -6.79
CA SER B 70 7.24 -25.11 -7.49
C SER B 70 5.80 -24.63 -7.33
N PRO B 71 5.46 -23.44 -7.86
CA PRO B 71 4.08 -22.97 -7.72
C PRO B 71 3.12 -24.02 -8.28
N VAL B 72 2.00 -24.21 -7.57
CA VAL B 72 1.01 -25.20 -7.97
C VAL B 72 0.50 -25.03 -9.40
N ARG B 73 0.35 -23.79 -9.85
CA ARG B 73 -0.13 -23.55 -11.19
C ARG B 73 0.84 -24.03 -12.27
N THR B 74 2.04 -24.46 -11.85
CA THR B 74 3.04 -24.93 -12.81
C THR B 74 3.09 -26.46 -12.82
N PHE B 75 2.30 -27.07 -11.94
CA PHE B 75 2.26 -28.52 -11.82
C PHE B 75 1.80 -29.24 -13.09
N ARG B 76 0.66 -28.83 -13.62
CA ARG B 76 0.12 -29.48 -14.80
C ARG B 76 1.04 -29.38 -16.02
N GLU B 77 1.56 -28.18 -16.29
CA GLU B 77 2.45 -27.98 -17.43
C GLU B 77 3.75 -28.76 -17.29
N ILE B 78 4.31 -28.81 -16.09
CA ILE B 78 5.54 -29.53 -15.83
C ILE B 78 5.32 -31.04 -15.89
N ALA B 79 4.25 -31.50 -15.25
CA ALA B 79 3.92 -32.93 -15.23
C ALA B 79 3.82 -33.48 -16.65
N LYS B 80 3.08 -32.76 -17.49
CA LYS B 80 2.87 -33.14 -18.88
C LYS B 80 4.20 -33.33 -19.60
N LYS B 81 5.14 -32.43 -19.37
CA LYS B 81 6.45 -32.54 -20.01
C LYS B 81 7.28 -33.66 -19.40
N LEU B 82 7.08 -33.91 -18.11
CA LEU B 82 7.80 -34.97 -17.43
C LEU B 82 7.26 -36.36 -17.76
N SER B 83 6.01 -36.43 -18.20
CA SER B 83 5.38 -37.70 -18.53
C SER B 83 6.11 -38.48 -19.60
N TYR B 84 6.83 -37.78 -20.47
CA TYR B 84 7.58 -38.46 -21.53
C TYR B 84 9.09 -38.40 -21.32
N ILE B 85 9.52 -37.61 -20.34
CA ILE B 85 10.94 -37.48 -20.03
C ILE B 85 11.32 -38.50 -18.96
N LEU B 86 10.45 -38.69 -17.99
CA LEU B 86 10.68 -39.64 -16.91
C LEU B 86 10.37 -41.06 -17.37
N SER B 87 10.94 -42.04 -16.69
CA SER B 87 10.67 -43.44 -17.01
C SER B 87 9.35 -43.78 -16.32
N GLU B 88 8.75 -44.89 -16.71
CA GLU B 88 7.48 -45.29 -16.12
C GLU B 88 7.67 -45.78 -14.69
N ASP B 89 8.91 -46.07 -14.33
CA ASP B 89 9.24 -46.57 -13.01
C ASP B 89 9.53 -45.46 -11.98
N ALA B 90 9.52 -44.21 -12.43
CA ALA B 90 9.80 -43.09 -11.54
C ALA B 90 8.59 -42.72 -10.67
N THR B 91 8.87 -42.13 -9.51
CA THR B 91 7.81 -41.72 -8.59
C THR B 91 7.78 -40.21 -8.49
N VAL B 92 6.59 -39.63 -8.67
CA VAL B 92 6.41 -38.18 -8.59
C VAL B 92 5.45 -37.86 -7.44
N THR B 93 5.85 -36.91 -6.60
CA THR B 93 5.03 -36.49 -5.48
C THR B 93 5.16 -34.96 -5.37
N ASP B 94 4.39 -34.33 -4.50
CA ASP B 94 4.45 -32.88 -4.40
C ASP B 94 4.31 -32.33 -2.99
N GLN B 95 4.44 -31.01 -2.87
CA GLN B 95 4.31 -30.32 -1.59
C GLN B 95 3.17 -29.30 -1.67
N GLY B 96 2.54 -29.24 -2.83
CA GLY B 96 1.45 -28.29 -3.05
C GLY B 96 0.50 -28.10 -1.88
N SER B 97 0.05 -26.86 -1.69
CA SER B 97 -0.88 -26.54 -0.60
C SER B 97 -2.29 -27.00 -0.91
N VAL B 98 -2.57 -27.25 -2.18
CA VAL B 98 -3.89 -27.71 -2.59
C VAL B 98 -3.77 -29.10 -3.22
N LYS B 99 -4.81 -29.90 -3.05
CA LYS B 99 -4.84 -31.25 -3.61
C LYS B 99 -6.09 -31.34 -4.48
N GLY B 100 -7.13 -31.98 -3.96
CA GLY B 100 -8.38 -32.11 -4.70
C GLY B 100 -8.22 -32.43 -6.18
N LYS B 101 -8.92 -31.66 -7.00
CA LYS B 101 -8.90 -31.85 -8.45
C LYS B 101 -7.50 -32.00 -9.05
N LEU B 102 -6.51 -31.31 -8.48
CA LEU B 102 -5.15 -31.37 -8.97
C LEU B 102 -4.57 -32.78 -8.90
N VAL B 103 -4.88 -33.49 -7.83
CA VAL B 103 -4.37 -34.85 -7.66
C VAL B 103 -4.85 -35.74 -8.81
N TYR B 104 -6.14 -35.64 -9.12
CA TYR B 104 -6.70 -36.46 -10.19
C TYR B 104 -6.15 -36.04 -11.56
N ASP B 105 -5.99 -34.74 -11.77
CA ASP B 105 -5.46 -34.27 -13.06
C ASP B 105 -4.02 -34.73 -13.25
N LEU B 106 -3.27 -34.83 -12.15
CA LEU B 106 -1.88 -35.25 -12.23
C LEU B 106 -1.74 -36.77 -12.43
N GLU B 107 -2.66 -37.54 -11.82
CA GLU B 107 -2.63 -38.98 -11.97
C GLU B 107 -2.88 -39.35 -13.43
N ASN B 108 -3.81 -38.65 -14.06
CA ASN B 108 -4.13 -38.91 -15.45
C ASN B 108 -2.99 -38.48 -16.38
N ILE B 109 -2.05 -37.70 -15.87
CA ILE B 109 -0.93 -37.26 -16.68
C ILE B 109 0.31 -38.10 -16.46
N LEU B 110 0.63 -38.37 -15.19
CA LEU B 110 1.82 -39.16 -14.87
C LEU B 110 1.49 -40.62 -14.60
N GLY B 111 0.20 -40.94 -14.58
CA GLY B 111 -0.21 -42.31 -14.34
C GLY B 111 0.16 -42.82 -12.96
N LYS B 112 0.43 -44.11 -12.87
CA LYS B 112 0.79 -44.76 -11.61
C LYS B 112 1.97 -44.12 -10.89
N ARG B 113 2.64 -43.18 -11.53
CA ARG B 113 3.79 -42.52 -10.93
C ARG B 113 3.47 -41.49 -9.84
N PHE B 114 2.31 -40.84 -9.94
CA PHE B 114 1.95 -39.80 -8.97
C PHE B 114 1.33 -40.19 -7.63
N VAL B 115 1.72 -39.42 -6.61
CA VAL B 115 1.25 -39.58 -5.23
C VAL B 115 1.14 -38.16 -4.63
N GLY B 116 -0.07 -37.73 -4.30
CA GLY B 116 -0.28 -36.40 -3.74
C GLY B 116 0.19 -36.19 -2.31
N GLY B 117 0.82 -35.06 -2.05
CA GLY B 117 1.31 -34.78 -0.70
C GLY B 117 1.26 -33.31 -0.29
N HIS B 118 1.17 -33.06 1.02
CA HIS B 118 1.12 -31.71 1.55
C HIS B 118 1.70 -31.63 2.96
N PRO B 119 2.93 -31.12 3.09
CA PRO B 119 3.55 -31.01 4.41
C PRO B 119 3.08 -29.72 5.09
N ILE B 120 2.63 -29.84 6.33
CA ILE B 120 2.17 -28.66 7.08
C ILE B 120 3.35 -28.07 7.83
N ALA B 121 4.31 -27.54 7.08
CA ALA B 121 5.51 -26.95 7.66
C ALA B 121 5.26 -25.52 8.09
N GLY B 122 4.78 -25.37 9.33
CA GLY B 122 4.48 -24.05 9.87
C GLY B 122 5.54 -23.01 9.59
N THR B 123 5.29 -22.19 8.58
CA THR B 123 6.20 -21.12 8.18
C THR B 123 5.73 -20.49 6.88
N GLU B 124 5.85 -19.17 6.78
CA GLU B 124 5.45 -18.45 5.59
C GLU B 124 6.65 -17.68 5.04
N LYS B 125 7.66 -18.42 4.61
CA LYS B 125 8.88 -17.83 4.07
C LYS B 125 9.01 -18.13 2.58
N SER B 126 9.95 -17.46 1.93
CA SER B 126 10.18 -17.65 0.51
C SER B 126 11.66 -17.46 0.18
N GLY B 127 12.19 -18.32 -0.68
CA GLY B 127 13.59 -18.23 -1.05
C GLY B 127 14.37 -19.44 -0.57
N VAL B 128 15.14 -20.05 -1.45
CA VAL B 128 15.91 -21.24 -1.09
C VAL B 128 16.93 -20.95 0.01
N GLU B 129 17.37 -19.70 0.11
CA GLU B 129 18.35 -19.31 1.13
C GLU B 129 17.75 -19.38 2.54
N TYR B 130 16.43 -19.55 2.61
CA TYR B 130 15.73 -19.63 3.89
C TYR B 130 15.32 -21.06 4.22
N SER B 131 15.76 -22.03 3.41
CA SER B 131 15.42 -23.42 3.63
C SER B 131 16.10 -23.99 4.88
N LEU B 132 15.39 -24.88 5.57
CA LEU B 132 15.88 -25.50 6.80
C LEU B 132 15.93 -27.02 6.68
N ASP B 133 16.88 -27.65 7.39
CA ASP B 133 17.00 -29.10 7.34
C ASP B 133 16.17 -29.85 8.37
N ASN B 134 15.39 -29.11 9.15
CA ASN B 134 14.54 -29.73 10.18
C ASN B 134 13.12 -29.21 10.06
N LEU B 135 12.85 -28.53 8.95
CA LEU B 135 11.55 -27.94 8.70
C LEU B 135 10.36 -28.85 8.95
N TYR B 136 10.49 -30.13 8.62
CA TYR B 136 9.38 -31.07 8.77
C TYR B 136 9.37 -31.83 10.10
N GLU B 137 10.44 -31.72 10.87
CA GLU B 137 10.55 -32.41 12.16
C GLU B 137 9.34 -32.22 13.07
N GLY B 138 8.58 -33.29 13.28
CA GLY B 138 7.42 -33.22 14.14
C GLY B 138 6.17 -32.67 13.47
N LYS B 139 6.34 -32.09 12.28
CA LYS B 139 5.22 -31.53 11.55
C LYS B 139 4.39 -32.60 10.86
N LYS B 140 3.11 -32.29 10.65
CA LYS B 140 2.21 -33.22 10.00
C LYS B 140 2.40 -33.16 8.49
N VAL B 141 2.13 -34.28 7.83
CA VAL B 141 2.23 -34.36 6.37
C VAL B 141 1.04 -35.17 5.89
N ILE B 142 0.19 -34.56 5.07
CA ILE B 142 -0.99 -35.23 4.55
C ILE B 142 -0.78 -35.77 3.14
N LEU B 143 -0.97 -37.07 2.97
CA LEU B 143 -0.85 -37.70 1.67
C LEU B 143 -2.29 -37.98 1.24
N THR B 144 -2.61 -37.77 -0.03
CA THR B 144 -3.96 -37.99 -0.51
C THR B 144 -4.07 -39.15 -1.52
N PRO B 145 -3.96 -40.39 -1.05
CA PRO B 145 -4.05 -41.54 -1.96
C PRO B 145 -5.48 -41.75 -2.45
N THR B 146 -5.60 -42.45 -3.57
CA THR B 146 -6.89 -42.75 -4.17
C THR B 146 -6.86 -44.21 -4.63
N LYS B 147 -7.98 -44.70 -5.16
CA LYS B 147 -8.04 -46.09 -5.64
C LYS B 147 -6.94 -46.35 -6.67
N LYS B 148 -6.81 -45.44 -7.62
CA LYS B 148 -5.83 -45.53 -8.69
C LYS B 148 -4.38 -45.40 -8.20
N THR B 149 -4.22 -44.97 -6.96
CA THR B 149 -2.88 -44.79 -6.36
C THR B 149 -2.13 -46.10 -6.18
N ASP B 150 -0.84 -46.05 -6.49
CA ASP B 150 0.06 -47.21 -6.37
C ASP B 150 0.47 -47.39 -4.91
N LYS B 151 0.01 -48.48 -4.29
CA LYS B 151 0.32 -48.77 -2.89
C LYS B 151 1.81 -48.80 -2.60
N LYS B 152 2.60 -49.31 -3.52
CA LYS B 152 4.04 -49.38 -3.34
C LYS B 152 4.64 -47.98 -3.26
N ARG B 153 4.23 -47.11 -4.17
CA ARG B 153 4.71 -45.73 -4.19
C ARG B 153 4.20 -44.96 -2.98
N LEU B 154 2.97 -45.23 -2.59
CA LEU B 154 2.38 -44.57 -1.43
C LEU B 154 3.23 -44.84 -0.18
N LYS B 155 3.46 -46.13 0.09
CA LYS B 155 4.25 -46.53 1.25
C LYS B 155 5.66 -45.92 1.18
N LEU B 156 6.19 -45.79 -0.02
CA LEU B 156 7.51 -45.21 -0.22
C LEU B 156 7.49 -43.75 0.26
N VAL B 157 6.69 -42.94 -0.40
CA VAL B 157 6.56 -41.52 -0.06
C VAL B 157 6.30 -41.36 1.44
N LYS B 158 5.55 -42.29 2.02
CA LYS B 158 5.23 -42.25 3.44
C LYS B 158 6.49 -42.40 4.28
N ARG B 159 7.29 -43.41 3.97
CA ARG B 159 8.51 -43.66 4.74
C ARG B 159 9.49 -42.49 4.68
N VAL B 160 9.75 -41.97 3.48
CA VAL B 160 10.68 -40.86 3.33
C VAL B 160 10.26 -39.64 4.16
N TRP B 161 8.98 -39.29 4.11
CA TRP B 161 8.49 -38.15 4.89
C TRP B 161 8.72 -38.38 6.38
N GLU B 162 8.48 -39.61 6.83
CA GLU B 162 8.69 -39.94 8.23
C GLU B 162 10.18 -39.85 8.54
N ASP B 163 11.00 -40.21 7.55
CA ASP B 163 12.45 -40.15 7.71
C ASP B 163 12.95 -38.73 7.90
N VAL B 164 12.21 -37.76 7.35
CA VAL B 164 12.59 -36.37 7.51
C VAL B 164 11.87 -35.80 8.73
N GLY B 165 11.34 -36.70 9.55
CA GLY B 165 10.65 -36.28 10.77
C GLY B 165 9.16 -36.02 10.67
N GLY B 166 8.59 -36.15 9.47
CA GLY B 166 7.18 -35.89 9.31
C GLY B 166 6.23 -36.93 9.89
N VAL B 167 5.05 -36.44 10.30
CA VAL B 167 4.00 -37.30 10.85
C VAL B 167 2.94 -37.40 9.76
N VAL B 168 2.88 -38.55 9.10
CA VAL B 168 1.96 -38.77 8.00
C VAL B 168 0.54 -39.20 8.35
N GLU B 169 -0.42 -38.61 7.64
CA GLU B 169 -1.85 -38.90 7.82
C GLU B 169 -2.42 -39.02 6.42
N TYR B 170 -3.57 -39.68 6.29
CA TYR B 170 -4.20 -39.83 4.99
C TYR B 170 -5.57 -39.16 4.89
N MSE B 171 -5.75 -38.38 3.84
CA MSE B 171 -7.02 -37.71 3.60
C MSE B 171 -7.30 -37.84 2.11
O MSE B 171 -6.36 -37.94 1.33
CB MSE B 171 -6.93 -36.22 3.94
CG MSE B 171 -6.74 -35.88 5.40
SE MSE B 171 -6.94 -33.96 5.63
CE MSE B 171 -8.79 -33.79 5.12
N SER B 172 -8.57 -37.84 1.74
CA SER B 172 -8.90 -37.93 0.32
C SER B 172 -8.59 -36.55 -0.25
N PRO B 173 -8.34 -36.47 -1.57
CA PRO B 173 -8.05 -35.16 -2.14
C PRO B 173 -9.13 -34.13 -1.82
N GLU B 174 -10.39 -34.51 -2.01
CA GLU B 174 -11.52 -33.61 -1.76
C GLU B 174 -11.66 -33.19 -0.29
N LEU B 175 -11.53 -34.14 0.62
CA LEU B 175 -11.63 -33.83 2.03
C LEU B 175 -10.54 -32.84 2.42
N HIS B 176 -9.35 -33.04 1.88
CA HIS B 176 -8.24 -32.16 2.15
C HIS B 176 -8.60 -30.71 1.80
N ASP B 177 -8.97 -30.50 0.54
CA ASP B 177 -9.31 -29.16 0.08
C ASP B 177 -10.51 -28.55 0.80
N TYR B 178 -11.42 -29.39 1.29
CA TYR B 178 -12.56 -28.85 2.00
C TYR B 178 -12.08 -28.39 3.38
N VAL B 179 -11.46 -29.30 4.12
CA VAL B 179 -10.98 -28.99 5.46
C VAL B 179 -10.05 -27.78 5.49
N PHE B 180 -9.05 -27.77 4.63
CA PHE B 180 -8.10 -26.66 4.59
C PHE B 180 -8.70 -25.39 4.00
N GLY B 181 -9.73 -25.57 3.18
CA GLY B 181 -10.38 -24.41 2.62
C GLY B 181 -11.00 -23.63 3.77
N VAL B 182 -11.45 -24.33 4.81
CA VAL B 182 -12.06 -23.67 5.96
C VAL B 182 -11.10 -23.24 7.06
N VAL B 183 -10.20 -24.13 7.49
CA VAL B 183 -9.27 -23.82 8.58
C VAL B 183 -7.98 -23.10 8.20
N SER B 184 -7.73 -22.98 6.89
CA SER B 184 -6.51 -22.30 6.46
C SER B 184 -6.74 -21.21 5.41
N HIS B 185 -7.41 -21.56 4.32
CA HIS B 185 -7.65 -20.59 3.26
C HIS B 185 -8.59 -19.47 3.69
N LEU B 186 -9.68 -19.83 4.34
CA LEU B 186 -10.64 -18.84 4.82
C LEU B 186 -9.98 -17.82 5.75
N PRO B 187 -9.27 -18.29 6.79
CA PRO B 187 -8.62 -17.37 7.72
C PRO B 187 -7.64 -16.44 7.03
N HIS B 188 -6.98 -16.94 5.99
CA HIS B 188 -6.04 -16.10 5.24
C HIS B 188 -6.81 -15.08 4.41
N ALA B 189 -7.90 -15.52 3.78
CA ALA B 189 -8.71 -14.61 2.96
C ALA B 189 -9.20 -13.46 3.85
N VAL B 190 -9.63 -13.81 5.06
CA VAL B 190 -10.11 -12.84 6.04
C VAL B 190 -9.02 -11.84 6.41
N ALA B 191 -7.79 -12.32 6.56
CA ALA B 191 -6.68 -11.45 6.92
C ALA B 191 -6.36 -10.49 5.76
N PHE B 192 -6.40 -10.99 4.53
CA PHE B 192 -6.13 -10.15 3.37
C PHE B 192 -7.19 -9.05 3.30
N ALA B 193 -8.44 -9.41 3.56
CA ALA B 193 -9.56 -8.46 3.53
C ALA B 193 -9.44 -7.42 4.64
N LEU B 194 -8.91 -7.83 5.81
CA LEU B 194 -8.74 -6.90 6.93
C LEU B 194 -7.74 -5.82 6.56
N VAL B 195 -6.66 -6.23 5.89
CA VAL B 195 -5.64 -5.28 5.47
C VAL B 195 -6.28 -4.27 4.53
N ASP B 196 -7.10 -4.78 3.60
CA ASP B 196 -7.78 -3.93 2.64
C ASP B 196 -8.71 -2.96 3.38
N THR B 197 -9.36 -3.47 4.42
CA THR B 197 -10.27 -2.65 5.22
C THR B 197 -9.55 -1.48 5.89
N LEU B 198 -8.42 -1.76 6.53
CA LEU B 198 -7.68 -0.69 7.19
C LEU B 198 -7.20 0.35 6.18
N ILE B 199 -6.86 -0.09 4.96
CA ILE B 199 -6.43 0.87 3.94
C ILE B 199 -7.59 1.81 3.61
N HIS B 200 -8.76 1.24 3.35
CA HIS B 200 -9.95 2.04 3.03
C HIS B 200 -10.56 2.84 4.17
N MSE B 201 -10.36 2.39 5.41
CA MSE B 201 -10.95 3.12 6.53
C MSE B 201 -10.01 4.09 7.24
O MSE B 201 -10.40 4.79 8.17
CB MSE B 201 -11.61 2.13 7.50
CG MSE B 201 -12.78 1.39 6.85
SE MSE B 201 -13.91 0.30 8.02
CE MSE B 201 -14.85 1.73 8.92
N SER B 202 -8.75 4.13 6.80
CA SER B 202 -7.79 5.06 7.37
C SER B 202 -8.15 6.43 6.81
N THR B 203 -7.76 7.48 7.52
CA THR B 203 -8.01 8.85 7.07
C THR B 203 -6.64 9.50 6.92
N PRO B 204 -6.59 10.70 6.31
CA PRO B 204 -5.28 11.34 6.16
C PRO B 204 -4.72 11.64 7.56
N GLU B 205 -5.64 11.94 8.47
CA GLU B 205 -5.30 12.25 9.86
C GLU B 205 -4.90 11.00 10.65
N VAL B 206 -5.57 9.88 10.38
CA VAL B 206 -5.27 8.65 11.11
C VAL B 206 -4.90 7.44 10.26
N ASP B 207 -3.69 6.94 10.46
CA ASP B 207 -3.19 5.76 9.78
C ASP B 207 -3.48 4.61 10.74
N LEU B 208 -4.52 3.83 10.44
CA LEU B 208 -4.94 2.73 11.30
C LEU B 208 -3.88 1.66 11.56
N PHE B 209 -2.94 1.50 10.62
CA PHE B 209 -1.90 0.49 10.78
C PHE B 209 -0.95 0.81 11.93
N LYS B 210 -1.06 2.02 12.48
CA LYS B 210 -0.21 2.42 13.59
C LYS B 210 -0.75 1.91 14.92
N TYR B 211 -1.91 1.26 14.90
CA TYR B 211 -2.53 0.74 16.12
C TYR B 211 -2.81 -0.76 16.06
N PRO B 212 -1.74 -1.58 16.05
CA PRO B 212 -1.87 -3.04 15.98
C PRO B 212 -2.06 -3.72 17.36
N GLY B 213 -1.91 -2.95 18.42
CA GLY B 213 -2.02 -3.51 19.75
C GLY B 213 -3.41 -3.86 20.27
N GLY B 214 -4.44 -3.60 19.47
CA GLY B 214 -5.79 -3.87 19.91
C GLY B 214 -6.38 -5.19 19.43
N GLY B 215 -5.54 -6.07 18.91
CA GLY B 215 -6.03 -7.35 18.43
C GLY B 215 -5.76 -7.57 16.97
N PHE B 216 -5.35 -6.52 16.27
CA PHE B 216 -5.06 -6.64 14.84
C PHE B 216 -3.76 -7.40 14.66
N LYS B 217 -2.86 -7.29 15.63
CA LYS B 217 -1.58 -7.99 15.56
C LYS B 217 -1.80 -9.47 15.35
N ASP B 218 -3.01 -9.94 15.68
CA ASP B 218 -3.37 -11.34 15.51
C ASP B 218 -3.39 -11.71 14.03
N PHE B 219 -3.67 -10.71 13.19
CA PHE B 219 -3.74 -10.93 11.75
C PHE B 219 -2.57 -10.36 10.96
N THR B 220 -1.69 -9.62 11.64
CA THR B 220 -0.54 -9.01 10.97
C THR B 220 0.43 -10.02 10.40
N ARG B 221 0.28 -11.28 10.78
CA ARG B 221 1.17 -12.32 10.26
C ARG B 221 0.98 -12.45 8.74
N ILE B 222 -0.14 -11.93 8.25
CA ILE B 222 -0.46 -11.99 6.82
C ILE B 222 0.57 -11.24 5.96
N ALA B 223 1.28 -10.29 6.58
CA ALA B 223 2.29 -9.51 5.87
C ALA B 223 3.40 -10.40 5.33
N LYS B 224 3.53 -11.60 5.90
CA LYS B 224 4.56 -12.54 5.49
C LYS B 224 4.08 -13.52 4.43
N SER B 225 2.80 -13.48 4.13
CA SER B 225 2.24 -14.38 3.12
C SER B 225 2.70 -13.98 1.72
N ASP B 226 2.76 -14.95 0.83
CA ASP B 226 3.17 -14.70 -0.55
C ASP B 226 1.95 -14.54 -1.45
N PRO B 227 1.77 -13.36 -2.05
CA PRO B 227 0.63 -13.07 -2.92
C PRO B 227 0.40 -14.13 -3.99
N ILE B 228 1.46 -14.46 -4.73
CA ILE B 228 1.37 -15.46 -5.79
C ILE B 228 0.90 -16.80 -5.24
N MSE B 229 1.48 -17.25 -4.13
CA MSE B 229 1.10 -18.53 -3.54
C MSE B 229 -0.39 -18.56 -3.20
O MSE B 229 -1.06 -19.56 -3.46
CB MSE B 229 1.91 -18.80 -2.26
CG MSE B 229 1.60 -20.16 -1.64
SE MSE B 229 2.60 -20.55 -0.01
CE MSE B 229 1.11 -20.80 1.21
N TRP B 230 -0.89 -17.47 -2.63
CA TRP B 230 -2.30 -17.40 -2.26
C TRP B 230 -3.24 -17.18 -3.43
N ARG B 231 -2.78 -16.46 -4.45
CA ARG B 231 -3.64 -16.27 -5.62
C ARG B 231 -3.88 -17.64 -6.23
N ASP B 232 -2.84 -18.48 -6.22
CA ASP B 232 -2.93 -19.82 -6.78
C ASP B 232 -3.84 -20.70 -5.91
N ILE B 233 -3.73 -20.58 -4.60
CA ILE B 233 -4.56 -21.35 -3.70
C ILE B 233 -6.03 -20.99 -3.89
N PHE B 234 -6.36 -19.70 -3.79
CA PHE B 234 -7.75 -19.27 -3.94
C PHE B 234 -8.35 -19.69 -5.27
N LEU B 235 -7.52 -19.69 -6.31
CA LEU B 235 -7.99 -20.07 -7.63
C LEU B 235 -8.12 -21.59 -7.81
N GLU B 236 -7.19 -22.35 -7.25
CA GLU B 236 -7.24 -23.80 -7.37
C GLU B 236 -8.31 -24.42 -6.47
N ASN B 237 -8.62 -23.75 -5.37
CA ASN B 237 -9.63 -24.24 -4.43
C ASN B 237 -10.79 -23.26 -4.43
N LYS B 238 -11.07 -22.67 -5.59
CA LYS B 238 -12.14 -21.69 -5.72
C LYS B 238 -13.46 -22.07 -5.09
N GLU B 239 -13.96 -23.24 -5.43
CA GLU B 239 -15.23 -23.71 -4.92
C GLU B 239 -15.33 -23.77 -3.39
N ASN B 240 -14.38 -24.43 -2.74
CA ASN B 240 -14.41 -24.53 -1.28
C ASN B 240 -14.20 -23.16 -0.63
N VAL B 241 -13.30 -22.36 -1.20
CA VAL B 241 -12.99 -21.04 -0.66
C VAL B 241 -14.24 -20.16 -0.68
N MSE B 242 -14.99 -20.18 -1.77
CA MSE B 242 -16.20 -19.39 -1.88
C MSE B 242 -17.21 -19.83 -0.83
O MSE B 242 -17.77 -18.99 -0.12
CB MSE B 242 -16.83 -19.54 -3.26
CG MSE B 242 -15.99 -19.00 -4.36
SE MSE B 242 -15.63 -17.13 -4.09
CE MSE B 242 -14.82 -16.84 -5.78
N LYS B 243 -17.44 -21.13 -0.75
CA LYS B 243 -18.38 -21.67 0.23
C LYS B 243 -17.93 -21.33 1.65
N ALA B 244 -16.62 -21.33 1.88
CA ALA B 244 -16.08 -21.02 3.20
C ALA B 244 -16.33 -19.55 3.52
N ILE B 245 -16.00 -18.65 2.58
CA ILE B 245 -16.24 -17.23 2.79
C ILE B 245 -17.74 -17.00 3.01
N GLU B 246 -18.56 -17.72 2.23
CA GLU B 246 -20.01 -17.59 2.37
C GLU B 246 -20.46 -18.04 3.74
N GLY B 247 -19.92 -19.17 4.22
CA GLY B 247 -20.29 -19.67 5.53
C GLY B 247 -19.89 -18.68 6.62
N PHE B 248 -18.66 -18.19 6.52
CA PHE B 248 -18.12 -17.23 7.47
C PHE B 248 -19.00 -15.98 7.53
N GLU B 249 -19.42 -15.49 6.36
CA GLU B 249 -20.25 -14.29 6.33
C GLU B 249 -21.59 -14.51 7.02
N LYS B 250 -22.08 -15.76 7.02
CA LYS B 250 -23.34 -16.03 7.71
C LYS B 250 -23.11 -15.89 9.21
N SER B 251 -21.98 -16.41 9.70
CA SER B 251 -21.64 -16.28 11.11
C SER B 251 -21.37 -14.84 11.54
N LEU B 252 -20.67 -14.08 10.69
CA LEU B 252 -20.36 -12.69 10.99
C LEU B 252 -21.61 -11.82 10.92
N ASN B 253 -22.46 -12.10 9.95
CA ASN B 253 -23.70 -11.35 9.80
C ASN B 253 -24.65 -11.68 10.95
N HIS B 254 -24.56 -12.91 11.44
CA HIS B 254 -25.41 -13.30 12.56
C HIS B 254 -24.89 -12.52 13.78
N LEU B 255 -23.58 -12.47 13.93
CA LEU B 255 -22.98 -11.73 15.04
C LEU B 255 -23.34 -10.25 14.91
N LYS B 256 -23.23 -9.70 13.70
CA LYS B 256 -23.56 -8.29 13.49
C LYS B 256 -25.02 -8.01 13.86
N GLU B 257 -25.91 -8.92 13.48
CA GLU B 257 -27.33 -8.72 13.78
C GLU B 257 -27.64 -8.74 15.28
N LEU B 258 -26.98 -9.60 16.03
CA LEU B 258 -27.22 -9.64 17.48
C LEU B 258 -26.82 -8.30 18.09
N ILE B 259 -25.71 -7.75 17.60
CA ILE B 259 -25.19 -6.49 18.07
C ILE B 259 -26.14 -5.34 17.72
N VAL B 260 -26.54 -5.28 16.45
CA VAL B 260 -27.43 -4.24 16.00
C VAL B 260 -28.78 -4.23 16.74
N ARG B 261 -29.36 -5.41 16.92
CA ARG B 261 -30.65 -5.53 17.59
C ARG B 261 -30.55 -5.59 19.12
N GLU B 262 -29.32 -5.50 19.62
CA GLU B 262 -29.08 -5.53 21.05
C GLU B 262 -29.63 -6.78 21.73
N ALA B 263 -29.44 -7.94 21.11
CA ALA B 263 -29.90 -9.19 21.69
C ALA B 263 -28.87 -9.57 22.75
N GLU B 264 -28.82 -8.77 23.81
CA GLU B 264 -27.87 -8.96 24.92
C GLU B 264 -27.60 -10.40 25.32
N GLU B 265 -28.65 -11.13 25.64
CA GLU B 265 -28.49 -12.51 26.08
C GLU B 265 -27.99 -13.46 24.99
N GLU B 266 -28.52 -13.33 23.77
CA GLU B 266 -28.08 -14.23 22.71
C GLU B 266 -26.65 -13.90 22.30
N LEU B 267 -26.27 -12.63 22.41
CA LEU B 267 -24.92 -12.20 22.05
C LEU B 267 -23.92 -12.87 22.97
N VAL B 268 -24.19 -12.87 24.28
CA VAL B 268 -23.28 -13.50 25.23
C VAL B 268 -23.20 -15.02 24.97
N GLU B 269 -24.34 -15.62 24.64
CA GLU B 269 -24.39 -17.06 24.36
C GLU B 269 -23.52 -17.43 23.17
N TYR B 270 -23.53 -16.57 22.14
CA TYR B 270 -22.74 -16.78 20.94
C TYR B 270 -21.25 -16.72 21.30
N LEU B 271 -20.87 -15.71 22.07
CA LEU B 271 -19.49 -15.50 22.48
C LEU B 271 -18.97 -16.53 23.47
N LYS B 272 -19.86 -17.01 24.34
CA LYS B 272 -19.48 -18.00 25.33
C LYS B 272 -19.18 -19.35 24.67
N GLU B 273 -19.98 -19.71 23.67
CA GLU B 273 -19.76 -20.97 22.99
C GLU B 273 -18.46 -20.90 22.19
N VAL B 274 -18.26 -19.77 21.51
CA VAL B 274 -17.04 -19.59 20.74
C VAL B 274 -15.81 -19.70 21.63
N LYS B 275 -15.86 -19.07 22.80
CA LYS B 275 -14.74 -19.13 23.73
C LYS B 275 -14.47 -20.57 24.16
N ILE B 276 -15.54 -21.30 24.50
CA ILE B 276 -15.39 -22.69 24.92
C ILE B 276 -14.76 -23.54 23.83
N LYS B 277 -15.24 -23.38 22.60
CA LYS B 277 -14.72 -24.14 21.47
C LYS B 277 -13.27 -23.79 21.17
N ARG B 278 -12.91 -22.52 21.30
CA ARG B 278 -11.55 -22.06 21.02
C ARG B 278 -10.56 -22.57 22.07
N MSE B 279 -11.01 -22.67 23.30
CA MSE B 279 -10.14 -23.14 24.36
C MSE B 279 -9.89 -24.64 24.30
O MSE B 279 -8.79 -25.10 24.62
CB MSE B 279 -10.73 -22.80 25.72
CG MSE B 279 -10.83 -21.32 25.98
SE MSE B 279 -11.28 -21.01 27.80
CE MSE B 279 -9.51 -21.06 28.56
N GLU B 280 -10.89 -25.40 23.88
CA GLU B 280 -10.74 -26.84 23.81
C GLU B 280 -10.04 -27.36 22.56
N ILE B 281 -9.34 -26.47 21.85
CA ILE B 281 -8.62 -26.91 20.66
C ILE B 281 -7.14 -26.59 20.81
N MSE C 1 8.63 42.11 16.58
CA MSE C 1 8.17 40.72 16.35
C MSE C 1 8.97 39.73 17.19
O MSE C 1 10.09 39.36 16.84
CB MSE C 1 8.33 40.35 14.87
CG MSE C 1 7.88 38.93 14.56
SE MSE C 1 8.30 38.40 12.76
CE MSE C 1 9.93 37.43 13.11
N GLN C 2 8.38 39.31 18.30
CA GLN C 2 9.03 38.36 19.20
C GLN C 2 8.09 37.23 19.61
N ASN C 3 6.84 37.31 19.16
CA ASN C 3 5.84 36.30 19.45
C ASN C 3 5.10 35.89 18.19
N VAL C 4 5.49 34.76 17.62
CA VAL C 4 4.87 34.24 16.41
C VAL C 4 3.83 33.19 16.78
N LEU C 5 2.71 33.19 16.08
CA LEU C 5 1.66 32.22 16.35
C LEU C 5 1.38 31.42 15.08
N ILE C 6 1.49 30.11 15.21
CA ILE C 6 1.19 29.20 14.11
C ILE C 6 -0.24 28.72 14.34
N VAL C 7 -1.14 29.06 13.43
CA VAL C 7 -2.52 28.62 13.54
C VAL C 7 -2.66 27.41 12.62
N GLY C 8 -2.90 26.23 13.20
CA GLY C 8 -3.00 25.03 12.41
C GLY C 8 -1.59 24.47 12.36
N VAL C 9 -1.24 23.66 13.34
CA VAL C 9 0.10 23.10 13.42
C VAL C 9 0.22 21.74 12.73
N GLY C 10 0.17 21.78 11.40
CA GLY C 10 0.28 20.56 10.63
C GLY C 10 1.53 20.58 9.77
N PHE C 11 1.44 20.01 8.56
CA PHE C 11 2.60 19.99 7.68
C PHE C 11 3.11 21.38 7.30
N MSE C 12 2.23 22.25 6.83
CA MSE C 12 2.65 23.59 6.45
C MSE C 12 2.97 24.46 7.66
O MSE C 12 4.01 25.14 7.69
CB MSE C 12 1.58 24.25 5.57
CG MSE C 12 1.29 23.53 4.24
SE MSE C 12 2.85 23.15 3.08
CE MSE C 12 3.11 24.92 2.33
N GLY C 13 2.10 24.45 8.67
CA GLY C 13 2.34 25.25 9.85
C GLY C 13 3.64 24.84 10.52
N GLY C 14 3.88 23.54 10.60
CA GLY C 14 5.10 23.05 11.22
C GLY C 14 6.34 23.32 10.38
N SER C 15 6.20 23.21 9.07
CA SER C 15 7.32 23.47 8.16
C SER C 15 7.73 24.93 8.25
N PHE C 16 6.74 25.82 8.43
CA PHE C 16 7.06 27.24 8.55
C PHE C 16 7.79 27.51 9.86
N ALA C 17 7.31 26.91 10.95
CA ALA C 17 7.94 27.11 12.26
C ALA C 17 9.37 26.59 12.27
N LYS C 18 9.59 25.41 11.69
CA LYS C 18 10.93 24.82 11.65
C LYS C 18 11.85 25.71 10.81
N SER C 19 11.35 26.14 9.66
CA SER C 19 12.14 26.98 8.78
C SER C 19 12.49 28.30 9.45
N LEU C 20 11.52 28.90 10.12
CA LEU C 20 11.73 30.18 10.80
C LEU C 20 12.82 30.05 11.88
N ARG C 21 12.74 28.98 12.67
CA ARG C 21 13.72 28.74 13.72
C ARG C 21 15.11 28.55 13.11
N ARG C 22 15.19 27.69 12.10
CA ARG C 22 16.46 27.40 11.45
C ARG C 22 17.07 28.64 10.75
N SER C 23 16.24 29.60 10.41
CA SER C 23 16.72 30.82 9.77
C SER C 23 17.25 31.80 10.81
N GLY C 24 17.18 31.40 12.08
CA GLY C 24 17.68 32.24 13.16
C GLY C 24 16.69 33.01 14.01
N PHE C 25 15.39 32.71 13.89
CA PHE C 25 14.39 33.41 14.70
C PHE C 25 14.63 33.03 16.15
N LYS C 26 14.75 34.03 17.04
CA LYS C 26 15.01 33.76 18.45
C LYS C 26 13.80 34.04 19.34
N GLY C 27 12.72 34.49 18.75
CA GLY C 27 11.54 34.78 19.54
C GLY C 27 10.81 33.51 19.93
N LYS C 28 9.59 33.67 20.44
CA LYS C 28 8.78 32.54 20.84
C LYS C 28 7.83 32.12 19.72
N ILE C 29 7.69 30.82 19.52
CA ILE C 29 6.80 30.30 18.51
C ILE C 29 5.69 29.55 19.25
N TYR C 30 4.46 30.07 19.12
CA TYR C 30 3.31 29.48 19.76
C TYR C 30 2.43 28.82 18.72
N GLY C 31 1.59 27.89 19.17
CA GLY C 31 0.71 27.20 18.26
C GLY C 31 -0.71 27.12 18.74
N TYR C 32 -1.64 27.12 17.79
CA TYR C 32 -3.06 27.00 18.09
C TYR C 32 -3.61 25.99 17.09
N ASP C 33 -4.33 24.99 17.58
CA ASP C 33 -4.88 23.96 16.73
C ASP C 33 -6.09 23.38 17.45
N ILE C 34 -7.04 22.82 16.72
CA ILE C 34 -8.20 22.23 17.37
C ILE C 34 -7.90 20.81 17.82
N ASN C 35 -6.82 20.25 17.28
CA ASN C 35 -6.40 18.89 17.61
C ASN C 35 -5.32 18.91 18.70
N PRO C 36 -5.64 18.34 19.88
CA PRO C 36 -4.71 18.27 21.01
C PRO C 36 -3.39 17.56 20.70
N GLU C 37 -3.47 16.51 19.89
CA GLU C 37 -2.28 15.75 19.53
C GLU C 37 -1.31 16.60 18.70
N SER C 38 -1.85 17.46 17.84
CA SER C 38 -1.02 18.34 17.02
C SER C 38 -0.12 19.19 17.90
N ILE C 39 -0.73 19.81 18.90
CA ILE C 39 -0.04 20.67 19.85
C ILE C 39 1.02 19.88 20.61
N SER C 40 0.61 18.73 21.15
CA SER C 40 1.49 17.85 21.93
C SER C 40 2.70 17.40 21.11
N LYS C 41 2.44 16.95 19.89
CA LYS C 41 3.51 16.49 18.99
C LYS C 41 4.50 17.60 18.68
N ALA C 42 3.97 18.76 18.29
CA ALA C 42 4.79 19.92 17.93
C ALA C 42 5.69 20.34 19.09
N VAL C 43 5.15 20.31 20.30
CA VAL C 43 5.92 20.68 21.47
C VAL C 43 7.02 19.64 21.66
N ASP C 44 6.66 18.37 21.55
CA ASP C 44 7.65 17.29 21.69
C ASP C 44 8.80 17.44 20.69
N LEU C 45 8.47 17.76 19.46
CA LEU C 45 9.46 17.90 18.39
C LEU C 45 10.22 19.23 18.46
N GLY C 46 9.79 20.13 19.35
CA GLY C 46 10.43 21.41 19.47
C GLY C 46 10.07 22.36 18.35
N ILE C 47 9.00 22.05 17.63
CA ILE C 47 8.55 22.88 16.53
C ILE C 47 7.94 24.17 17.07
N ILE C 48 7.24 24.06 18.19
CA ILE C 48 6.67 25.24 18.84
C ILE C 48 7.09 25.15 20.30
N ASP C 49 7.09 26.29 20.98
CA ASP C 49 7.49 26.32 22.39
C ASP C 49 6.33 25.95 23.29
N GLU C 50 5.12 26.32 22.86
CA GLU C 50 3.92 26.07 23.63
C GLU C 50 2.72 26.22 22.71
N GLY C 51 1.65 25.52 23.02
CA GLY C 51 0.47 25.61 22.19
C GLY C 51 -0.79 25.42 23.00
N THR C 52 -1.94 25.53 22.35
CA THR C 52 -3.23 25.36 23.02
C THR C 52 -4.31 25.05 21.99
N THR C 53 -5.44 24.56 22.46
CA THR C 53 -6.57 24.24 21.58
C THR C 53 -7.73 25.18 21.91
N SER C 54 -7.48 26.08 22.86
CA SER C 54 -8.47 27.07 23.28
C SER C 54 -8.10 28.43 22.72
N ILE C 55 -8.86 28.89 21.72
CA ILE C 55 -8.57 30.18 21.09
C ILE C 55 -8.41 31.32 22.08
N ALA C 56 -9.18 31.28 23.17
CA ALA C 56 -9.12 32.33 24.19
C ALA C 56 -7.77 32.43 24.88
N LYS C 57 -7.09 31.30 25.03
CA LYS C 57 -5.79 31.26 25.71
C LYS C 57 -4.71 31.90 24.85
N VAL C 58 -5.00 32.08 23.57
CA VAL C 58 -4.04 32.68 22.66
C VAL C 58 -3.66 34.09 23.12
N GLU C 59 -4.60 34.78 23.77
CA GLU C 59 -4.31 36.14 24.23
C GLU C 59 -3.15 36.12 25.22
N ASP C 60 -2.95 34.97 25.85
CA ASP C 60 -1.87 34.79 26.81
C ASP C 60 -0.52 34.82 26.09
N PHE C 61 -0.54 34.58 24.79
CA PHE C 61 0.69 34.56 24.01
C PHE C 61 1.05 35.92 23.44
N SER C 62 0.09 36.86 23.42
CA SER C 62 0.33 38.20 22.89
C SER C 62 1.05 38.10 21.54
N PRO C 63 0.44 37.42 20.57
CA PRO C 63 1.03 37.25 19.24
C PRO C 63 1.14 38.54 18.44
N ASP C 64 2.29 38.78 17.84
CA ASP C 64 2.48 39.95 17.01
C ASP C 64 2.57 39.58 15.53
N PHE C 65 2.70 38.27 15.27
CA PHE C 65 2.79 37.75 13.89
C PHE C 65 2.08 36.41 13.86
N VAL C 66 1.01 36.32 13.08
CA VAL C 66 0.25 35.08 12.97
C VAL C 66 0.29 34.49 11.56
N MSE C 67 0.61 33.21 11.47
CA MSE C 67 0.66 32.52 10.18
C MSE C 67 -0.47 31.49 10.09
O MSE C 67 -0.40 30.40 10.69
CB MSE C 67 2.01 31.84 9.99
CG MSE C 67 2.17 31.06 8.67
SE MSE C 67 1.97 32.13 7.05
CE MSE C 67 3.70 33.03 7.11
N LEU C 68 -1.53 31.84 9.36
CA LEU C 68 -2.68 30.95 9.21
C LEU C 68 -2.27 29.77 8.35
N SER C 69 -2.33 28.58 8.94
CA SER C 69 -1.90 27.37 8.26
C SER C 69 -2.89 26.21 8.37
N SER C 70 -4.11 26.52 8.78
CA SER C 70 -5.16 25.52 8.89
C SER C 70 -5.88 25.50 7.53
N PRO C 71 -6.90 24.65 7.38
CA PRO C 71 -7.59 24.62 6.09
C PRO C 71 -8.23 25.99 5.80
N VAL C 72 -8.19 26.43 4.54
CA VAL C 72 -8.77 27.72 4.16
C VAL C 72 -10.20 27.90 4.67
N ARG C 73 -10.98 26.83 4.65
CA ARG C 73 -12.38 26.91 5.12
C ARG C 73 -12.50 27.39 6.57
N THR C 74 -11.42 27.32 7.34
CA THR C 74 -11.44 27.75 8.74
C THR C 74 -11.02 29.19 8.98
N PHE C 75 -10.41 29.83 7.98
CA PHE C 75 -9.90 31.19 8.15
C PHE C 75 -10.87 32.26 8.61
N ARG C 76 -12.02 32.39 7.94
CA ARG C 76 -12.98 33.42 8.33
C ARG C 76 -13.42 33.32 9.79
N GLU C 77 -13.82 32.13 10.23
CA GLU C 77 -14.26 31.95 11.62
C GLU C 77 -13.11 32.25 12.59
N ILE C 78 -11.92 31.75 12.27
CA ILE C 78 -10.76 32.00 13.11
C ILE C 78 -10.40 33.49 13.15
N ALA C 79 -10.47 34.14 11.99
CA ALA C 79 -10.14 35.56 11.89
C ALA C 79 -11.05 36.40 12.78
N LYS C 80 -12.33 36.07 12.81
CA LYS C 80 -13.27 36.81 13.64
C LYS C 80 -12.87 36.76 15.11
N LYS C 81 -12.47 35.59 15.59
CA LYS C 81 -12.05 35.45 16.98
C LYS C 81 -10.76 36.24 17.24
N LEU C 82 -9.81 36.14 16.31
CA LEU C 82 -8.54 36.85 16.44
C LEU C 82 -8.74 38.37 16.46
N SER C 83 -9.78 38.86 15.79
CA SER C 83 -10.04 40.30 15.75
C SER C 83 -10.26 40.88 17.15
N TYR C 84 -10.75 40.08 18.09
CA TYR C 84 -10.98 40.56 19.45
C TYR C 84 -9.76 40.30 20.33
N ILE C 85 -8.95 39.32 19.93
CA ILE C 85 -7.79 38.94 20.72
C ILE C 85 -6.51 39.67 20.38
N LEU C 86 -6.23 39.79 19.08
CA LEU C 86 -5.02 40.44 18.61
C LEU C 86 -4.97 41.95 18.74
N SER C 87 -3.80 42.45 19.08
CA SER C 87 -3.59 43.88 19.17
C SER C 87 -3.65 44.38 17.72
N GLU C 88 -4.03 45.64 17.54
CA GLU C 88 -4.12 46.22 16.21
C GLU C 88 -2.81 46.20 15.43
N ASP C 89 -1.69 46.37 16.13
CA ASP C 89 -0.39 46.41 15.48
C ASP C 89 0.13 45.06 15.02
N ALA C 90 -0.61 43.99 15.32
CA ALA C 90 -0.19 42.65 14.90
C ALA C 90 -0.31 42.46 13.40
N THR C 91 0.37 41.43 12.90
CA THR C 91 0.33 41.11 11.49
C THR C 91 -0.21 39.69 11.35
N VAL C 92 -1.15 39.51 10.43
CA VAL C 92 -1.73 38.19 10.16
C VAL C 92 -1.58 37.90 8.67
N THR C 93 -1.02 36.73 8.36
CA THR C 93 -0.84 36.32 6.97
C THR C 93 -1.24 34.84 6.89
N ASP C 94 -1.19 34.26 5.70
CA ASP C 94 -1.58 32.85 5.56
C ASP C 94 -0.82 32.10 4.49
N GLN C 95 -1.08 30.79 4.43
CA GLN C 95 -0.47 29.91 3.44
C GLN C 95 -1.58 29.25 2.60
N GLY C 96 -2.80 29.76 2.70
CA GLY C 96 -3.91 29.20 1.94
C GLY C 96 -3.66 28.98 0.46
N SER C 97 -4.09 27.84 -0.06
CA SER C 97 -3.91 27.50 -1.47
C SER C 97 -4.77 28.34 -2.40
N VAL C 98 -5.78 29.01 -1.85
CA VAL C 98 -6.65 29.85 -2.63
C VAL C 98 -6.65 31.25 -2.03
N LYS C 99 -6.84 32.26 -2.86
CA LYS C 99 -6.89 33.65 -2.40
C LYS C 99 -8.23 34.24 -2.81
N GLY C 100 -8.25 34.97 -3.93
CA GLY C 100 -9.50 35.56 -4.39
C GLY C 100 -10.24 36.38 -3.36
N LYS C 101 -11.56 36.21 -3.32
CA LYS C 101 -12.39 36.96 -2.38
C LYS C 101 -12.02 36.73 -0.92
N LEU C 102 -11.44 35.58 -0.62
CA LEU C 102 -11.01 35.28 0.74
C LEU C 102 -10.19 36.45 1.29
N VAL C 103 -9.25 36.94 0.49
CA VAL C 103 -8.39 38.05 0.90
C VAL C 103 -9.16 39.29 1.33
N TYR C 104 -10.19 39.67 0.58
CA TYR C 104 -10.97 40.84 0.93
C TYR C 104 -11.81 40.56 2.18
N ASP C 105 -12.28 39.32 2.33
CA ASP C 105 -13.07 38.98 3.50
C ASP C 105 -12.22 39.10 4.76
N LEU C 106 -10.99 38.59 4.70
CA LEU C 106 -10.09 38.65 5.86
C LEU C 106 -9.65 40.10 6.14
N GLU C 107 -9.52 40.91 5.09
CA GLU C 107 -9.15 42.32 5.28
C GLU C 107 -10.29 43.00 6.05
N ASN C 108 -11.53 42.69 5.66
CA ASN C 108 -12.68 43.31 6.31
C ASN C 108 -12.82 42.89 7.76
N ILE C 109 -12.33 41.69 8.08
CA ILE C 109 -12.41 41.21 9.45
C ILE C 109 -11.25 41.73 10.28
N LEU C 110 -10.04 41.53 9.78
CA LEU C 110 -8.80 41.91 10.47
C LEU C 110 -8.25 43.30 10.21
N GLY C 111 -8.79 44.01 9.22
CA GLY C 111 -8.29 45.34 8.93
C GLY C 111 -6.89 45.32 8.35
N LYS C 112 -6.10 46.34 8.69
CA LYS C 112 -4.73 46.50 8.22
C LYS C 112 -3.74 45.42 8.65
N ARG C 113 -4.16 44.53 9.53
CA ARG C 113 -3.29 43.45 9.99
C ARG C 113 -3.03 42.42 8.89
N PHE C 114 -4.00 42.22 8.01
CA PHE C 114 -3.90 41.17 7.00
C PHE C 114 -3.13 41.34 5.68
N VAL C 115 -2.39 40.29 5.37
CA VAL C 115 -1.59 40.21 4.15
C VAL C 115 -1.80 38.77 3.65
N GLY C 116 -2.40 38.63 2.47
CA GLY C 116 -2.64 37.29 1.94
C GLY C 116 -1.41 36.65 1.31
N GLY C 117 -1.25 35.35 1.52
CA GLY C 117 -0.10 34.66 0.94
C GLY C 117 -0.35 33.19 0.60
N HIS C 118 0.50 32.66 -0.27
CA HIS C 118 0.41 31.27 -0.70
C HIS C 118 1.76 30.75 -1.16
N PRO C 119 2.42 29.90 -0.35
CA PRO C 119 3.72 29.37 -0.78
C PRO C 119 3.49 28.23 -1.77
N ILE C 120 4.17 28.30 -2.92
CA ILE C 120 4.01 27.27 -3.94
C ILE C 120 4.96 26.12 -3.65
N ALA C 121 4.64 25.39 -2.60
CA ALA C 121 5.41 24.25 -2.14
C ALA C 121 4.41 23.19 -1.69
N GLY C 122 4.36 22.07 -2.40
CA GLY C 122 3.41 21.03 -2.04
C GLY C 122 3.94 19.76 -1.40
N THR C 123 3.02 18.85 -1.11
CA THR C 123 3.33 17.56 -0.49
C THR C 123 2.09 16.69 -0.51
N GLU C 124 2.28 15.39 -0.40
CA GLU C 124 1.14 14.47 -0.37
C GLU C 124 0.96 13.99 1.06
N LYS C 125 1.87 14.40 1.94
CA LYS C 125 1.84 14.01 3.35
C LYS C 125 1.07 15.00 4.23
N SER C 126 0.55 14.52 5.35
CA SER C 126 -0.21 15.37 6.27
C SER C 126 0.31 15.22 7.70
N GLY C 127 0.14 16.27 8.51
CA GLY C 127 0.59 16.21 9.88
C GLY C 127 1.93 16.86 10.15
N VAL C 128 2.06 17.42 11.36
CA VAL C 128 3.29 18.10 11.76
C VAL C 128 4.50 17.17 11.81
N GLU C 129 4.26 15.87 11.91
CA GLU C 129 5.34 14.89 11.97
C GLU C 129 6.19 14.89 10.69
N TYR C 130 5.60 15.28 9.58
CA TYR C 130 6.34 15.29 8.32
C TYR C 130 6.92 16.66 7.96
N SER C 131 6.76 17.63 8.84
CA SER C 131 7.28 18.98 8.63
C SER C 131 8.75 19.03 8.22
N LEU C 132 9.09 19.97 7.35
CA LEU C 132 10.47 20.13 6.86
C LEU C 132 11.01 21.53 7.17
N ASP C 133 12.29 21.62 7.48
CA ASP C 133 12.90 22.92 7.81
C ASP C 133 13.49 23.65 6.60
N ASN C 134 13.26 23.12 5.40
CA ASN C 134 13.77 23.75 4.18
C ASN C 134 12.74 23.65 3.05
N LEU C 135 11.48 23.42 3.42
CA LEU C 135 10.39 23.26 2.46
C LEU C 135 10.24 24.38 1.42
N TYR C 136 10.45 25.61 1.85
CA TYR C 136 10.28 26.78 0.99
C TYR C 136 11.49 27.23 0.19
N GLU C 137 12.65 26.64 0.43
CA GLU C 137 13.86 27.07 -0.30
C GLU C 137 13.75 26.93 -1.81
N GLY C 138 13.83 28.06 -2.51
CA GLY C 138 13.77 28.05 -3.95
C GLY C 138 12.37 27.97 -4.52
N LYS C 139 11.37 27.90 -3.64
CA LYS C 139 9.98 27.83 -4.08
C LYS C 139 9.36 29.22 -4.12
N LYS C 140 8.49 29.47 -5.09
CA LYS C 140 7.87 30.78 -5.16
C LYS C 140 6.83 30.93 -4.07
N VAL C 141 6.67 32.15 -3.60
CA VAL C 141 5.68 32.47 -2.59
C VAL C 141 4.93 33.66 -3.15
N ILE C 142 3.64 33.48 -3.37
CA ILE C 142 2.80 34.53 -3.93
C ILE C 142 2.10 35.32 -2.83
N LEU C 143 2.38 36.62 -2.75
CA LEU C 143 1.68 37.46 -1.79
C LEU C 143 0.68 38.22 -2.64
N THR C 144 -0.50 38.49 -2.09
CA THR C 144 -1.54 39.15 -2.86
C THR C 144 -2.01 40.47 -2.29
N PRO C 145 -1.23 41.55 -2.50
CA PRO C 145 -1.64 42.85 -1.97
C PRO C 145 -2.85 43.38 -2.73
N THR C 146 -3.59 44.28 -2.08
CA THR C 146 -4.75 44.93 -2.66
C THR C 146 -4.46 46.41 -2.37
N LYS C 147 -5.35 47.30 -2.78
CA LYS C 147 -5.14 48.72 -2.51
C LYS C 147 -5.05 49.04 -1.02
N LYS C 148 -5.81 48.30 -0.21
CA LYS C 148 -5.85 48.52 1.24
C LYS C 148 -4.74 47.86 2.05
N THR C 149 -3.90 47.06 1.41
CA THR C 149 -2.81 46.39 2.11
C THR C 149 -1.84 47.40 2.71
N ASP C 150 -1.41 47.12 3.94
CA ASP C 150 -0.48 47.99 4.65
C ASP C 150 0.95 47.78 4.15
N LYS C 151 1.51 48.83 3.57
CA LYS C 151 2.86 48.80 3.01
C LYS C 151 3.92 48.14 3.90
N LYS C 152 4.02 48.59 5.15
CA LYS C 152 5.03 48.02 6.04
C LYS C 152 4.84 46.54 6.34
N ARG C 153 3.60 46.12 6.56
CA ARG C 153 3.33 44.71 6.84
C ARG C 153 3.63 43.84 5.62
N LEU C 154 3.34 44.35 4.42
CA LEU C 154 3.60 43.58 3.21
C LEU C 154 5.09 43.33 3.07
N LYS C 155 5.86 44.37 3.34
CA LYS C 155 7.32 44.32 3.28
C LYS C 155 7.88 43.32 4.30
N LEU C 156 7.29 43.34 5.49
CA LEU C 156 7.67 42.44 6.57
C LEU C 156 7.46 40.98 6.17
N VAL C 157 6.25 40.68 5.72
CA VAL C 157 5.90 39.34 5.29
C VAL C 157 6.83 38.86 4.19
N LYS C 158 7.13 39.75 3.24
CA LYS C 158 8.05 39.41 2.14
C LYS C 158 9.40 39.01 2.72
N ARG C 159 9.91 39.82 3.64
CA ARG C 159 11.21 39.55 4.25
C ARG C 159 11.20 38.22 5.02
N VAL C 160 10.11 37.93 5.71
CA VAL C 160 10.01 36.69 6.47
C VAL C 160 10.08 35.49 5.52
N TRP C 161 9.34 35.55 4.42
CA TRP C 161 9.37 34.46 3.46
C TRP C 161 10.76 34.33 2.85
N GLU C 162 11.42 35.45 2.60
CA GLU C 162 12.76 35.41 2.02
C GLU C 162 13.70 34.80 3.06
N ASP C 163 13.45 35.08 4.33
CA ASP C 163 14.27 34.53 5.41
C ASP C 163 14.20 33.00 5.40
N VAL C 164 13.11 32.43 4.89
CA VAL C 164 12.99 30.97 4.86
C VAL C 164 13.25 30.40 3.47
N GLY C 165 13.72 31.26 2.57
CA GLY C 165 14.07 30.80 1.24
C GLY C 165 13.09 30.99 0.11
N GLY C 166 11.94 31.59 0.40
CA GLY C 166 10.96 31.77 -0.65
C GLY C 166 11.33 32.79 -1.70
N VAL C 167 10.75 32.61 -2.89
CA VAL C 167 10.96 33.54 -4.00
C VAL C 167 9.64 34.28 -4.09
N VAL C 168 9.58 35.42 -3.42
CA VAL C 168 8.38 36.22 -3.35
C VAL C 168 8.03 37.03 -4.58
N GLU C 169 6.76 37.02 -4.95
CA GLU C 169 6.26 37.81 -6.06
C GLU C 169 4.81 38.17 -5.73
N TYR C 170 4.35 39.30 -6.26
CA TYR C 170 3.01 39.77 -5.97
C TYR C 170 2.02 39.58 -7.14
N MSE C 171 0.77 39.28 -6.77
CA MSE C 171 -0.30 39.09 -7.73
C MSE C 171 -1.57 39.57 -7.04
O MSE C 171 -1.64 39.52 -5.81
CB MSE C 171 -0.49 37.61 -8.07
CG MSE C 171 0.57 37.00 -8.94
SE MSE C 171 -0.03 35.23 -9.49
CE MSE C 171 1.63 34.61 -10.26
N SER C 172 -2.56 40.03 -7.80
CA SER C 172 -3.80 40.43 -7.15
C SER C 172 -4.44 39.12 -6.71
N PRO C 173 -5.39 39.18 -5.76
CA PRO C 173 -6.04 37.95 -5.28
C PRO C 173 -6.69 37.17 -6.44
N GLU C 174 -7.27 37.91 -7.38
CA GLU C 174 -7.93 37.34 -8.54
C GLU C 174 -6.97 36.68 -9.52
N LEU C 175 -5.88 37.36 -9.85
CA LEU C 175 -4.92 36.81 -10.78
C LEU C 175 -4.35 35.52 -10.21
N HIS C 176 -4.07 35.51 -8.92
CA HIS C 176 -3.52 34.31 -8.29
C HIS C 176 -4.39 33.09 -8.54
N ASP C 177 -5.69 33.23 -8.34
CA ASP C 177 -6.61 32.11 -8.53
C ASP C 177 -6.69 31.64 -9.96
N TYR C 178 -6.57 32.56 -10.91
CA TYR C 178 -6.58 32.18 -12.32
C TYR C 178 -5.31 31.39 -12.61
N VAL C 179 -4.15 31.99 -12.33
CA VAL C 179 -2.88 31.35 -12.60
C VAL C 179 -2.72 29.96 -12.02
N PHE C 180 -2.98 29.83 -10.73
CA PHE C 180 -2.82 28.53 -10.09
C PHE C 180 -3.95 27.58 -10.39
N GLY C 181 -5.06 28.12 -10.89
CA GLY C 181 -6.15 27.26 -11.28
C GLY C 181 -5.62 26.49 -12.49
N VAL C 182 -4.86 27.17 -13.35
CA VAL C 182 -4.31 26.52 -14.53
C VAL C 182 -3.02 25.73 -14.28
N VAL C 183 -2.07 26.32 -13.55
CA VAL C 183 -0.79 25.65 -13.31
C VAL C 183 -0.71 24.65 -12.17
N SER C 184 -1.69 24.65 -11.27
CA SER C 184 -1.66 23.72 -10.15
C SER C 184 -2.91 22.86 -10.03
N HIS C 185 -4.06 23.52 -9.99
CA HIS C 185 -5.32 22.80 -9.85
C HIS C 185 -5.62 21.91 -11.06
N LEU C 186 -5.44 22.43 -12.26
CA LEU C 186 -5.68 21.66 -13.48
C LEU C 186 -4.79 20.41 -13.51
N PRO C 187 -3.47 20.58 -13.32
CA PRO C 187 -2.57 19.42 -13.34
C PRO C 187 -3.00 18.36 -12.33
N HIS C 188 -3.39 18.79 -11.13
CA HIS C 188 -3.85 17.85 -10.12
C HIS C 188 -5.10 17.13 -10.63
N ALA C 189 -6.02 17.86 -11.24
CA ALA C 189 -7.24 17.26 -11.78
C ALA C 189 -6.86 16.20 -12.82
N VAL C 190 -5.95 16.54 -13.71
CA VAL C 190 -5.47 15.63 -14.75
C VAL C 190 -4.83 14.39 -14.13
N ALA C 191 -4.04 14.58 -13.09
CA ALA C 191 -3.42 13.43 -12.42
C ALA C 191 -4.48 12.51 -11.81
N PHE C 192 -5.46 13.09 -11.13
CA PHE C 192 -6.52 12.28 -10.52
C PHE C 192 -7.28 11.50 -11.58
N ALA C 193 -7.66 12.17 -12.66
CA ALA C 193 -8.41 11.55 -13.74
C ALA C 193 -7.60 10.47 -14.47
N LEU C 194 -6.29 10.68 -14.60
CA LEU C 194 -5.45 9.68 -15.27
C LEU C 194 -5.49 8.39 -14.47
N VAL C 195 -5.45 8.50 -13.15
CA VAL C 195 -5.52 7.30 -12.33
C VAL C 195 -6.90 6.67 -12.45
N ASP C 196 -7.93 7.51 -12.43
CA ASP C 196 -9.30 7.01 -12.54
C ASP C 196 -9.52 6.29 -13.87
N THR C 197 -8.82 6.74 -14.90
CA THR C 197 -8.92 6.12 -16.23
C THR C 197 -8.51 4.66 -16.21
N LEU C 198 -7.42 4.35 -15.51
CA LEU C 198 -6.93 2.98 -15.43
C LEU C 198 -7.93 2.09 -14.70
N ILE C 199 -8.77 2.68 -13.86
CA ILE C 199 -9.77 1.92 -13.14
C ILE C 199 -10.83 1.43 -14.11
N HIS C 200 -11.31 2.36 -14.93
CA HIS C 200 -12.36 2.07 -15.91
C HIS C 200 -11.91 1.36 -17.17
N MSE C 201 -10.65 1.53 -17.56
CA MSE C 201 -10.17 0.87 -18.76
C MSE C 201 -9.51 -0.48 -18.50
O MSE C 201 -9.02 -1.13 -19.41
CB MSE C 201 -9.26 1.81 -19.52
CG MSE C 201 -10.03 3.01 -20.06
SE MSE C 201 -9.09 4.08 -21.36
CE MSE C 201 -9.17 2.82 -22.84
N SER C 202 -9.50 -0.89 -17.23
CA SER C 202 -8.96 -2.20 -16.91
C SER C 202 -10.08 -3.17 -17.25
N THR C 203 -9.76 -4.46 -17.35
CA THR C 203 -10.79 -5.44 -17.66
C THR C 203 -10.55 -6.64 -16.76
N PRO C 204 -11.56 -7.51 -16.62
CA PRO C 204 -11.33 -8.68 -15.77
C PRO C 204 -10.13 -9.45 -16.32
N GLU C 205 -9.83 -9.17 -17.59
CA GLU C 205 -8.73 -9.80 -18.31
C GLU C 205 -7.38 -9.19 -17.91
N VAL C 206 -7.28 -7.87 -17.97
CA VAL C 206 -6.02 -7.19 -17.64
C VAL C 206 -6.22 -6.06 -16.64
N ASP C 207 -5.32 -5.98 -15.67
CA ASP C 207 -5.35 -4.94 -14.64
C ASP C 207 -4.27 -3.94 -15.05
N LEU C 208 -4.68 -2.81 -15.62
CA LEU C 208 -3.73 -1.81 -16.06
C LEU C 208 -2.76 -1.35 -14.99
N PHE C 209 -3.21 -1.40 -13.72
CA PHE C 209 -2.35 -0.97 -12.62
C PHE C 209 -1.10 -1.81 -12.45
N LYS C 210 -1.01 -2.88 -13.23
CA LYS C 210 0.15 -3.76 -13.18
C LYS C 210 1.25 -3.25 -14.10
N TYR C 211 0.90 -2.36 -15.03
CA TYR C 211 1.89 -1.88 -15.99
C TYR C 211 2.39 -0.43 -15.97
N PRO C 212 1.95 0.39 -15.01
CA PRO C 212 2.44 1.77 -15.00
C PRO C 212 3.96 1.90 -14.99
N GLY C 213 4.48 2.73 -15.88
CA GLY C 213 5.92 2.96 -15.96
C GLY C 213 6.29 4.24 -15.22
N GLY C 214 7.44 4.81 -15.58
CA GLY C 214 7.89 6.03 -14.94
C GLY C 214 7.09 7.23 -15.41
N GLY C 215 6.88 7.31 -16.72
CA GLY C 215 6.12 8.43 -17.27
C GLY C 215 4.77 8.56 -16.59
N PHE C 216 4.15 7.43 -16.29
CA PHE C 216 2.84 7.42 -15.63
C PHE C 216 2.93 7.81 -14.16
N LYS C 217 3.81 7.15 -13.42
CA LYS C 217 3.98 7.43 -11.99
C LYS C 217 4.41 8.85 -11.69
N ASP C 218 5.32 9.39 -12.50
CA ASP C 218 5.80 10.76 -12.31
C ASP C 218 4.64 11.73 -12.51
N PHE C 219 3.86 11.50 -13.56
CA PHE C 219 2.73 12.36 -13.86
C PHE C 219 1.59 12.27 -12.84
N THR C 220 1.52 11.17 -12.09
CA THR C 220 0.43 10.98 -11.13
C THR C 220 0.82 10.97 -9.65
N ARG C 221 2.05 11.33 -9.35
CA ARG C 221 2.49 11.35 -7.96
C ARG C 221 1.60 12.29 -7.13
N ILE C 222 1.15 13.38 -7.73
CA ILE C 222 0.31 14.31 -6.99
C ILE C 222 -1.11 13.79 -6.76
N ALA C 223 -1.44 12.65 -7.37
CA ALA C 223 -2.77 12.07 -7.17
C ALA C 223 -2.86 11.46 -5.77
N LYS C 224 -1.74 11.44 -5.06
CA LYS C 224 -1.71 10.89 -3.70
C LYS C 224 -1.96 11.97 -2.65
N SER C 225 -2.21 13.20 -3.10
CA SER C 225 -2.47 14.31 -2.21
C SER C 225 -3.70 14.06 -1.34
N ASP C 226 -3.92 14.92 -0.34
CA ASP C 226 -5.07 14.78 0.56
C ASP C 226 -6.38 15.03 -0.17
N PRO C 227 -7.29 14.04 -0.16
CA PRO C 227 -8.60 14.15 -0.83
C PRO C 227 -9.47 15.30 -0.31
N ILE C 228 -9.49 15.46 1.00
CA ILE C 228 -10.29 16.50 1.61
C ILE C 228 -9.80 17.89 1.22
N MSE C 229 -8.48 18.06 1.20
CA MSE C 229 -7.92 19.35 0.84
C MSE C 229 -8.22 19.71 -0.60
O MSE C 229 -8.60 20.84 -0.90
CB MSE C 229 -6.41 19.34 1.07
CG MSE C 229 -5.76 20.70 0.86
SE MSE C 229 -3.84 20.57 0.97
CE MSE C 229 -3.45 20.59 -0.94
N TRP C 230 -8.05 18.76 -1.51
CA TRP C 230 -8.30 19.02 -2.92
C TRP C 230 -9.78 19.14 -3.25
N ARG C 231 -10.61 18.50 -2.44
CA ARG C 231 -12.05 18.61 -2.63
C ARG C 231 -12.34 20.08 -2.32
N ASP C 232 -11.70 20.59 -1.26
CA ASP C 232 -11.87 21.98 -0.84
C ASP C 232 -11.37 22.96 -1.89
N ILE C 233 -10.12 22.78 -2.32
CA ILE C 233 -9.52 23.66 -3.33
C ILE C 233 -10.35 23.74 -4.62
N PHE C 234 -10.72 22.58 -5.15
CA PHE C 234 -11.50 22.53 -6.37
C PHE C 234 -12.81 23.30 -6.24
N LEU C 235 -13.47 23.21 -5.09
CA LEU C 235 -14.72 23.92 -4.89
C LEU C 235 -14.49 25.41 -4.60
N GLU C 236 -13.43 25.72 -3.86
CA GLU C 236 -13.11 27.10 -3.51
C GLU C 236 -12.67 27.94 -4.71
N ASN C 237 -12.08 27.31 -5.71
CA ASN C 237 -11.63 28.03 -6.90
C ASN C 237 -12.34 27.42 -8.11
N LYS C 238 -13.60 27.01 -7.93
CA LYS C 238 -14.33 26.34 -9.00
C LYS C 238 -14.46 27.10 -10.32
N GLU C 239 -14.62 28.42 -10.28
CA GLU C 239 -14.77 29.18 -11.51
C GLU C 239 -13.56 29.00 -12.41
N ASN C 240 -12.37 29.24 -11.85
CA ASN C 240 -11.13 29.10 -12.59
C ASN C 240 -10.80 27.65 -12.92
N VAL C 241 -11.17 26.74 -12.02
CA VAL C 241 -10.90 25.33 -12.27
C VAL C 241 -11.73 24.84 -13.45
N MSE C 242 -12.99 25.27 -13.52
CA MSE C 242 -13.87 24.88 -14.62
C MSE C 242 -13.30 25.44 -15.92
O MSE C 242 -13.27 24.75 -16.95
CB MSE C 242 -15.29 25.41 -14.43
CG MSE C 242 -16.09 24.75 -13.29
SE MSE C 242 -17.99 25.29 -13.24
CE MSE C 242 -17.76 27.09 -12.55
N LYS C 243 -12.85 26.69 -15.88
CA LYS C 243 -12.30 27.32 -17.05
C LYS C 243 -11.01 26.63 -17.50
N ALA C 244 -10.19 26.21 -16.55
CA ALA C 244 -8.93 25.54 -16.86
C ALA C 244 -9.14 24.15 -17.45
N ILE C 245 -10.13 23.42 -16.93
CA ILE C 245 -10.40 22.08 -17.44
C ILE C 245 -10.95 22.22 -18.86
N GLU C 246 -11.81 23.22 -19.03
CA GLU C 246 -12.41 23.49 -20.33
C GLU C 246 -11.31 23.83 -21.34
N GLY C 247 -10.39 24.70 -20.93
CA GLY C 247 -9.30 25.09 -21.81
C GLY C 247 -8.42 23.92 -22.19
N PHE C 248 -8.14 23.06 -21.20
CA PHE C 248 -7.32 21.89 -21.41
C PHE C 248 -7.99 20.94 -22.40
N GLU C 249 -9.30 20.73 -22.22
CA GLU C 249 -10.03 19.83 -23.10
C GLU C 249 -10.04 20.36 -24.52
N LYS C 250 -9.98 21.68 -24.67
CA LYS C 250 -9.96 22.29 -25.99
C LYS C 250 -8.62 21.93 -26.66
N SER C 251 -7.55 22.00 -25.87
CA SER C 251 -6.22 21.66 -26.39
C SER C 251 -6.10 20.16 -26.68
N LEU C 252 -6.62 19.31 -25.78
CA LEU C 252 -6.55 17.88 -25.97
C LEU C 252 -7.41 17.46 -27.16
N ASN C 253 -8.56 18.09 -27.32
CA ASN C 253 -9.44 17.77 -28.44
C ASN C 253 -8.81 18.18 -29.76
N HIS C 254 -7.93 19.18 -29.73
CA HIS C 254 -7.26 19.61 -30.95
C HIS C 254 -6.22 18.57 -31.31
N LEU C 255 -5.55 18.04 -30.29
CA LEU C 255 -4.54 17.01 -30.52
C LEU C 255 -5.27 15.78 -31.06
N LYS C 256 -6.41 15.47 -30.47
CA LYS C 256 -7.23 14.33 -30.86
C LYS C 256 -7.58 14.37 -32.34
N GLU C 257 -8.05 15.51 -32.83
CA GLU C 257 -8.42 15.66 -34.24
C GLU C 257 -7.19 15.51 -35.14
N LEU C 258 -6.03 15.93 -34.65
CA LEU C 258 -4.80 15.82 -35.42
C LEU C 258 -4.43 14.35 -35.56
N ILE C 259 -4.66 13.58 -34.50
CA ILE C 259 -4.36 12.16 -34.53
C ILE C 259 -5.35 11.41 -35.41
N VAL C 260 -6.64 11.72 -35.29
CA VAL C 260 -7.65 11.06 -36.10
C VAL C 260 -7.42 11.26 -37.60
N ARG C 261 -7.21 12.51 -38.00
CA ARG C 261 -6.99 12.82 -39.42
C ARG C 261 -5.58 12.48 -39.87
N GLU C 262 -4.75 12.02 -38.94
CA GLU C 262 -3.37 11.67 -39.26
C GLU C 262 -2.64 12.84 -39.92
N ALA C 263 -2.84 14.03 -39.37
CA ALA C 263 -2.20 15.24 -39.87
C ALA C 263 -0.75 15.21 -39.41
N GLU C 264 0.09 14.46 -40.14
CA GLU C 264 1.49 14.29 -39.81
C GLU C 264 2.30 15.54 -39.51
N GLU C 265 2.29 16.51 -40.42
CA GLU C 265 3.07 17.73 -40.25
C GLU C 265 2.59 18.62 -39.11
N GLU C 266 1.29 18.85 -39.03
CA GLU C 266 0.74 19.69 -37.97
C GLU C 266 0.90 19.01 -36.62
N LEU C 267 0.75 17.68 -36.59
CA LEU C 267 0.89 16.94 -35.35
C LEU C 267 2.30 17.13 -34.80
N VAL C 268 3.31 17.03 -35.67
CA VAL C 268 4.69 17.22 -35.23
C VAL C 268 4.87 18.62 -34.67
N GLU C 269 4.25 19.61 -35.33
CA GLU C 269 4.35 21.00 -34.90
C GLU C 269 3.72 21.16 -33.52
N TYR C 270 2.58 20.51 -33.30
CA TYR C 270 1.89 20.57 -32.02
C TYR C 270 2.80 19.99 -30.92
N LEU C 271 3.37 18.82 -31.18
CA LEU C 271 4.23 18.17 -30.20
C LEU C 271 5.55 18.90 -29.96
N LYS C 272 6.00 19.67 -30.94
CA LYS C 272 7.24 20.43 -30.80
C LYS C 272 7.05 21.61 -29.85
N GLU C 273 5.80 21.94 -29.55
CA GLU C 273 5.54 23.04 -28.64
C GLU C 273 6.22 22.80 -27.30
N VAL C 274 6.40 21.53 -26.94
CA VAL C 274 7.03 21.14 -25.67
C VAL C 274 8.50 21.53 -25.60
N LYS C 275 9.00 22.16 -26.66
CA LYS C 275 10.38 22.61 -26.67
C LYS C 275 10.32 24.03 -26.13
N ILE C 276 10.84 25.00 -26.89
CA ILE C 276 10.84 26.39 -26.46
C ILE C 276 11.67 26.54 -25.19
N LYS C 277 12.68 27.40 -25.23
CA LYS C 277 13.56 27.62 -24.08
C LYS C 277 12.71 27.97 -22.85
N ARG C 278 11.43 28.24 -23.09
CA ARG C 278 10.50 28.57 -22.02
C ARG C 278 9.65 27.35 -21.70
N MSE D 1 0.54 13.54 45.25
CA MSE D 1 -0.15 12.24 44.96
C MSE D 1 0.15 11.28 46.10
O MSE D 1 1.13 10.54 46.08
CB MSE D 1 0.35 11.67 43.63
CG MSE D 1 -0.61 10.70 42.97
SE MSE D 1 -0.01 10.25 41.20
CE MSE D 1 0.55 8.43 41.52
N GLN D 2 -0.74 11.28 47.10
CA GLN D 2 -0.58 10.44 48.28
C GLN D 2 -1.40 9.16 48.22
N ASN D 3 -2.69 9.29 47.90
CA ASN D 3 -3.59 8.16 47.87
C ASN D 3 -4.20 7.84 46.52
N VAL D 4 -3.90 6.65 46.03
CA VAL D 4 -4.43 6.17 44.77
C VAL D 4 -5.54 5.17 45.08
N LEU D 5 -6.64 5.25 44.34
CA LEU D 5 -7.74 4.33 44.53
C LEU D 5 -7.96 3.58 43.23
N ILE D 6 -8.00 2.26 43.33
CA ILE D 6 -8.24 1.42 42.18
C ILE D 6 -9.70 0.99 42.27
N VAL D 7 -10.49 1.41 41.29
CA VAL D 7 -11.90 1.04 41.25
C VAL D 7 -11.98 -0.14 40.29
N GLY D 8 -12.31 -1.32 40.82
CA GLY D 8 -12.35 -2.51 39.98
C GLY D 8 -10.97 -3.14 40.08
N VAL D 9 -10.77 -3.96 41.10
CA VAL D 9 -9.48 -4.58 41.29
C VAL D 9 -9.44 -5.95 40.59
N GLY D 10 -9.34 -5.90 39.26
CA GLY D 10 -9.28 -7.09 38.45
C GLY D 10 -7.96 -7.13 37.69
N PHE D 11 -7.97 -7.71 36.49
CA PHE D 11 -6.74 -7.79 35.71
C PHE D 11 -6.12 -6.41 35.44
N MSE D 12 -6.91 -5.49 34.88
CA MSE D 12 -6.39 -4.16 34.56
C MSE D 12 -6.12 -3.28 35.79
O MSE D 12 -5.11 -2.57 35.84
CB MSE D 12 -7.33 -3.44 33.60
CG MSE D 12 -7.56 -4.15 32.28
SE MSE D 12 -5.94 -4.50 31.24
CE MSE D 12 -5.69 -2.72 30.51
N GLY D 13 -7.02 -3.33 36.76
CA GLY D 13 -6.81 -2.52 37.96
C GLY D 13 -5.57 -3.00 38.69
N GLY D 14 -5.47 -4.32 38.81
CA GLY D 14 -4.32 -4.91 39.50
C GLY D 14 -3.04 -4.65 38.72
N SER D 15 -3.12 -4.73 37.39
CA SER D 15 -1.94 -4.48 36.56
C SER D 15 -1.47 -3.04 36.75
N PHE D 16 -2.39 -2.09 36.84
CA PHE D 16 -1.99 -0.71 37.04
C PHE D 16 -1.38 -0.54 38.45
N ALA D 17 -2.00 -1.15 39.45
CA ALA D 17 -1.48 -1.08 40.82
C ALA D 17 -0.07 -1.64 40.89
N LYS D 18 0.15 -2.81 40.27
CA LYS D 18 1.48 -3.44 40.29
C LYS D 18 2.53 -2.58 39.58
N SER D 19 2.16 -2.02 38.44
CA SER D 19 3.07 -1.18 37.66
C SER D 19 3.45 0.08 38.41
N LEU D 20 2.46 0.70 39.04
CA LEU D 20 2.69 1.92 39.79
C LEU D 20 3.73 1.63 40.88
N ARG D 21 3.50 0.55 41.65
CA ARG D 21 4.41 0.19 42.72
C ARG D 21 5.80 -0.14 42.15
N ARG D 22 5.83 -0.87 41.03
CA ARG D 22 7.09 -1.25 40.40
C ARG D 22 7.85 -0.04 39.87
N SER D 23 7.10 1.02 39.54
CA SER D 23 7.72 2.25 39.03
C SER D 23 8.24 3.08 40.19
N GLY D 24 8.09 2.57 41.41
CA GLY D 24 8.58 3.27 42.58
C GLY D 24 7.60 4.12 43.39
N PHE D 25 6.31 4.01 43.10
CA PHE D 25 5.31 4.79 43.86
C PHE D 25 5.38 4.40 45.34
N LYS D 26 5.46 5.39 46.22
CA LYS D 26 5.55 5.15 47.66
C LYS D 26 4.25 5.49 48.38
N GLY D 27 3.30 6.07 47.65
CA GLY D 27 2.04 6.42 48.28
C GLY D 27 1.18 5.21 48.58
N LYS D 28 -0.04 5.45 49.04
CA LYS D 28 -0.96 4.37 49.35
C LYS D 28 -1.77 3.99 48.12
N ILE D 29 -2.01 2.69 47.98
CA ILE D 29 -2.83 2.17 46.88
C ILE D 29 -4.00 1.45 47.53
N TYR D 30 -5.20 2.00 47.32
CA TYR D 30 -6.42 1.44 47.87
C TYR D 30 -7.27 0.84 46.77
N GLY D 31 -8.24 0.03 47.17
CA GLY D 31 -9.10 -0.57 46.19
C GLY D 31 -10.56 -0.59 46.58
N TYR D 32 -11.43 -0.56 45.57
CA TYR D 32 -12.87 -0.63 45.78
C TYR D 32 -13.41 -1.57 44.70
N ASP D 33 -14.15 -2.58 45.14
CA ASP D 33 -14.70 -3.58 44.24
C ASP D 33 -15.95 -4.17 44.89
N ILE D 34 -16.96 -4.50 44.08
CA ILE D 34 -18.16 -5.07 44.66
C ILE D 34 -17.94 -6.53 45.04
N ASN D 35 -16.87 -7.15 44.52
CA ASN D 35 -16.56 -8.53 44.84
C ASN D 35 -15.62 -8.57 46.04
N PRO D 36 -16.08 -9.15 47.15
CA PRO D 36 -15.23 -9.24 48.34
C PRO D 36 -13.93 -10.02 48.10
N GLU D 37 -14.00 -11.03 47.25
CA GLU D 37 -12.83 -11.85 46.93
C GLU D 37 -11.74 -11.05 46.19
N SER D 38 -12.14 -10.16 45.30
CA SER D 38 -11.16 -9.36 44.56
C SER D 38 -10.32 -8.54 45.53
N ILE D 39 -10.97 -7.96 46.52
CA ILE D 39 -10.30 -7.14 47.54
C ILE D 39 -9.36 -7.99 48.39
N SER D 40 -9.90 -9.08 48.92
CA SER D 40 -9.14 -10.01 49.76
C SER D 40 -7.90 -10.55 49.04
N LYS D 41 -8.11 -10.99 47.80
CA LYS D 41 -7.04 -11.55 46.98
C LYS D 41 -5.93 -10.53 46.68
N ALA D 42 -6.33 -9.31 46.34
CA ALA D 42 -5.38 -8.24 46.01
C ALA D 42 -4.55 -7.85 47.23
N VAL D 43 -5.16 -7.91 48.41
CA VAL D 43 -4.45 -7.61 49.64
C VAL D 43 -3.44 -8.73 49.90
N ASP D 44 -3.91 -9.99 49.84
CA ASP D 44 -3.03 -11.14 50.09
C ASP D 44 -1.81 -11.16 49.15
N LEU D 45 -2.01 -10.71 47.92
CA LEU D 45 -0.94 -10.71 46.92
C LEU D 45 -0.11 -9.43 46.98
N GLY D 46 -0.45 -8.55 47.92
CA GLY D 46 0.28 -7.30 48.07
C GLY D 46 0.10 -6.32 46.91
N ILE D 47 -1.01 -6.42 46.20
CA ILE D 47 -1.28 -5.54 45.06
C ILE D 47 -1.84 -4.19 45.55
N ILE D 48 -2.73 -4.24 46.54
CA ILE D 48 -3.26 -3.02 47.13
C ILE D 48 -2.97 -3.13 48.62
N ASP D 49 -2.97 -2.00 49.31
CA ASP D 49 -2.71 -1.99 50.74
C ASP D 49 -3.96 -2.35 51.53
N GLU D 50 -5.10 -1.80 51.10
CA GLU D 50 -6.39 -2.04 51.73
C GLU D 50 -7.47 -1.81 50.70
N GLY D 51 -8.66 -2.37 50.96
CA GLY D 51 -9.76 -2.19 50.04
C GLY D 51 -11.10 -2.34 50.75
N THR D 52 -12.16 -2.13 49.99
CA THR D 52 -13.49 -2.25 50.56
C THR D 52 -14.51 -2.52 49.47
N THR D 53 -15.69 -3.00 49.87
CA THR D 53 -16.77 -3.27 48.93
C THR D 53 -17.89 -2.27 49.20
N SER D 54 -17.63 -1.33 50.10
CA SER D 54 -18.60 -0.30 50.47
C SER D 54 -18.12 1.06 49.96
N ILE D 55 -18.75 1.54 48.89
CA ILE D 55 -18.36 2.81 48.30
C ILE D 55 -18.21 3.92 49.33
N ALA D 56 -19.04 3.89 50.37
CA ALA D 56 -19.01 4.91 51.42
C ALA D 56 -17.71 4.89 52.23
N LYS D 57 -17.16 3.71 52.43
CA LYS D 57 -15.92 3.57 53.20
C LYS D 57 -14.70 4.10 52.47
N VAL D 58 -14.87 4.44 51.20
CA VAL D 58 -13.77 4.96 50.40
C VAL D 58 -13.34 6.32 50.89
N GLU D 59 -14.28 7.06 51.47
CA GLU D 59 -13.98 8.40 51.98
C GLU D 59 -12.84 8.30 52.99
N ASP D 60 -12.77 7.17 53.67
CA ASP D 60 -11.72 6.92 54.66
C ASP D 60 -10.34 6.88 54.00
N PHE D 61 -10.31 6.62 52.69
CA PHE D 61 -9.04 6.54 51.99
C PHE D 61 -8.55 7.90 51.46
N SER D 62 -9.39 8.93 51.52
CA SER D 62 -9.05 10.27 51.04
C SER D 62 -8.30 10.21 49.71
N PRO D 63 -8.91 9.61 48.69
CA PRO D 63 -8.30 9.47 47.36
C PRO D 63 -8.10 10.76 46.57
N ASP D 64 -6.89 10.96 46.08
CA ASP D 64 -6.61 12.14 45.26
C ASP D 64 -6.42 11.73 43.79
N PHE D 65 -6.25 10.43 43.56
CA PHE D 65 -6.08 9.90 42.20
C PHE D 65 -6.88 8.60 42.12
N VAL D 66 -7.87 8.55 41.26
CA VAL D 66 -8.71 7.37 41.08
C VAL D 66 -8.59 6.82 39.66
N MSE D 67 -8.34 5.52 39.54
CA MSE D 67 -8.21 4.87 38.24
C MSE D 67 -9.41 3.91 38.08
O MSE D 67 -9.43 2.83 38.67
CB MSE D 67 -6.89 4.09 38.16
CG MSE D 67 -6.67 3.34 36.84
SE MSE D 67 -6.71 4.47 35.26
CE MSE D 67 -4.91 5.19 35.38
N LEU D 68 -10.39 4.32 37.29
CA LEU D 68 -11.58 3.49 37.05
C LEU D 68 -11.20 2.29 36.20
N SER D 69 -11.27 1.10 36.80
CA SER D 69 -10.87 -0.13 36.14
C SER D 69 -11.92 -1.25 36.17
N SER D 70 -13.16 -0.88 36.47
CA SER D 70 -14.24 -1.85 36.51
C SER D 70 -14.87 -1.81 35.11
N PRO D 71 -15.93 -2.60 34.87
CA PRO D 71 -16.58 -2.58 33.55
C PRO D 71 -17.09 -1.17 33.22
N VAL D 72 -16.91 -0.73 31.98
CA VAL D 72 -17.37 0.60 31.57
C VAL D 72 -18.82 0.87 31.99
N ARG D 73 -19.69 -0.13 31.84
CA ARG D 73 -21.10 0.02 32.21
C ARG D 73 -21.32 0.47 33.65
N THR D 74 -20.32 0.27 34.51
CA THR D 74 -20.44 0.67 35.91
C THR D 74 -19.94 2.07 36.26
N PHE D 75 -19.23 2.72 35.32
CA PHE D 75 -18.67 4.05 35.54
C PHE D 75 -19.64 5.16 35.95
N ARG D 76 -20.72 5.33 35.20
CA ARG D 76 -21.69 6.38 35.54
C ARG D 76 -22.22 6.25 36.96
N GLU D 77 -22.68 5.07 37.34
CA GLU D 77 -23.19 4.87 38.69
C GLU D 77 -22.11 5.14 39.75
N ILE D 78 -20.92 4.60 39.54
CA ILE D 78 -19.82 4.81 40.49
C ILE D 78 -19.42 6.28 40.57
N ALA D 79 -19.33 6.93 39.41
CA ALA D 79 -18.95 8.35 39.36
C ALA D 79 -19.90 9.24 40.16
N LYS D 80 -21.21 8.97 40.09
CA LYS D 80 -22.17 9.77 40.83
C LYS D 80 -21.91 9.66 42.33
N LYS D 81 -21.63 8.45 42.80
CA LYS D 81 -21.35 8.26 44.21
C LYS D 81 -20.04 9.00 44.56
N LEU D 82 -19.04 8.84 43.70
CA LEU D 82 -17.75 9.47 43.92
C LEU D 82 -17.82 10.99 43.95
N SER D 83 -18.78 11.57 43.24
CA SER D 83 -18.91 13.03 43.20
C SER D 83 -19.18 13.60 44.61
N TYR D 84 -19.86 12.84 45.45
CA TYR D 84 -20.16 13.29 46.80
C TYR D 84 -19.00 12.93 47.75
N ILE D 85 -18.26 11.90 47.39
CA ILE D 85 -17.16 11.40 48.22
C ILE D 85 -15.81 12.06 48.01
N LEU D 86 -15.44 12.25 46.75
CA LEU D 86 -14.14 12.83 46.43
C LEU D 86 -14.03 14.34 46.59
N SER D 87 -12.87 14.77 47.06
CA SER D 87 -12.61 16.19 47.19
C SER D 87 -12.63 16.70 45.74
N GLU D 88 -12.88 17.99 45.57
CA GLU D 88 -12.94 18.59 44.25
C GLU D 88 -11.60 18.59 43.53
N ASP D 89 -10.50 18.63 44.28
CA ASP D 89 -9.17 18.66 43.68
C ASP D 89 -8.63 17.30 43.27
N ALA D 90 -9.43 16.25 43.46
CA ALA D 90 -8.97 14.90 43.10
C ALA D 90 -9.01 14.75 41.59
N THR D 91 -8.31 13.73 41.10
CA THR D 91 -8.27 13.43 39.68
C THR D 91 -8.85 12.04 39.48
N VAL D 92 -9.74 11.91 38.51
CA VAL D 92 -10.35 10.62 38.19
C VAL D 92 -10.12 10.31 36.71
N THR D 93 -9.53 9.15 36.44
CA THR D 93 -9.26 8.69 35.08
C THR D 93 -9.77 7.26 34.95
N ASP D 94 -9.66 6.71 33.75
CA ASP D 94 -10.13 5.34 33.55
C ASP D 94 -9.26 4.56 32.58
N GLN D 95 -9.60 3.28 32.45
CA GLN D 95 -8.93 2.36 31.56
C GLN D 95 -9.95 1.76 30.62
N GLY D 96 -11.16 2.29 30.62
CA GLY D 96 -12.22 1.77 29.77
C GLY D 96 -11.87 1.62 28.30
N SER D 97 -12.31 0.51 27.70
CA SER D 97 -12.06 0.21 26.30
C SER D 97 -12.85 1.09 25.35
N VAL D 98 -13.89 1.75 25.87
CA VAL D 98 -14.69 2.65 25.05
C VAL D 98 -14.72 4.04 25.68
N LYS D 99 -14.77 5.05 24.83
CA LYS D 99 -14.81 6.43 25.29
C LYS D 99 -16.11 7.06 24.80
N GLY D 100 -16.05 7.82 23.71
CA GLY D 100 -17.25 8.43 23.17
C GLY D 100 -18.07 9.24 24.17
N LYS D 101 -19.40 9.13 24.08
CA LYS D 101 -20.31 9.87 24.96
C LYS D 101 -20.00 9.68 26.44
N LEU D 102 -19.43 8.53 26.80
CA LEU D 102 -19.09 8.24 28.18
C LEU D 102 -18.25 9.36 28.79
N VAL D 103 -17.23 9.81 28.05
CA VAL D 103 -16.34 10.88 28.51
C VAL D 103 -17.11 12.16 28.87
N TYR D 104 -18.05 12.56 28.02
CA TYR D 104 -18.84 13.75 28.27
C TYR D 104 -19.75 13.54 29.47
N ASP D 105 -20.31 12.34 29.61
CA ASP D 105 -21.19 12.06 30.76
C ASP D 105 -20.40 12.11 32.05
N LEU D 106 -19.20 11.52 32.04
CA LEU D 106 -18.40 11.51 33.27
C LEU D 106 -17.91 12.93 33.62
N GLU D 107 -17.67 13.76 32.61
CA GLU D 107 -17.24 15.13 32.87
C GLU D 107 -18.37 15.88 33.57
N ASN D 108 -19.60 15.61 33.13
CA ASN D 108 -20.77 16.27 33.71
C ASN D 108 -21.02 15.87 35.16
N ILE D 109 -20.69 14.63 35.49
CA ILE D 109 -20.90 14.14 36.84
C ILE D 109 -19.76 14.54 37.79
N LEU D 110 -18.53 14.34 37.33
CA LEU D 110 -17.33 14.63 38.13
C LEU D 110 -16.68 16.00 37.93
N GLY D 111 -17.11 16.75 36.93
CA GLY D 111 -16.53 18.06 36.69
C GLY D 111 -15.10 17.99 36.19
N LYS D 112 -14.31 18.98 36.57
CA LYS D 112 -12.91 19.09 36.17
C LYS D 112 -11.99 17.97 36.64
N ARG D 113 -12.48 17.13 37.54
CA ARG D 113 -11.66 16.02 38.05
C ARG D 113 -11.37 14.94 37.01
N PHE D 114 -12.25 14.80 36.02
CA PHE D 114 -12.11 13.72 35.03
C PHE D 114 -11.29 13.89 33.75
N VAL D 115 -10.55 12.83 33.45
CA VAL D 115 -9.72 12.72 32.24
C VAL D 115 -9.95 11.31 31.70
N GLY D 116 -10.45 11.20 30.48
CA GLY D 116 -10.71 9.89 29.90
C GLY D 116 -9.46 9.23 29.32
N GLY D 117 -9.36 7.91 29.47
CA GLY D 117 -8.19 7.23 28.95
C GLY D 117 -8.42 5.77 28.61
N HIS D 118 -7.55 5.21 27.78
CA HIS D 118 -7.63 3.82 27.35
C HIS D 118 -6.26 3.26 27.00
N PRO D 119 -5.73 2.35 27.81
CA PRO D 119 -4.42 1.78 27.49
C PRO D 119 -4.62 0.66 26.48
N ILE D 120 -3.87 0.68 25.39
CA ILE D 120 -3.99 -0.33 24.34
C ILE D 120 -3.13 -1.53 24.70
N ALA D 121 -3.63 -2.29 25.66
CA ALA D 121 -2.95 -3.48 26.16
C ALA D 121 -4.03 -4.44 26.61
N GLY D 122 -4.09 -5.60 25.98
CA GLY D 122 -5.13 -6.57 26.33
C GLY D 122 -4.70 -7.89 26.95
N THR D 123 -5.67 -8.79 27.05
CA THR D 123 -5.47 -10.11 27.61
C THR D 123 -6.77 -10.88 27.40
N GLU D 124 -6.71 -12.20 27.58
CA GLU D 124 -7.90 -13.02 27.48
C GLU D 124 -8.23 -13.47 28.89
N LYS D 125 -7.31 -13.18 29.82
CA LYS D 125 -7.45 -13.53 31.22
C LYS D 125 -8.33 -12.54 31.98
N SER D 126 -9.00 -13.02 33.02
CA SER D 126 -9.86 -12.19 33.85
C SER D 126 -9.46 -12.38 35.31
N GLY D 127 -9.52 -11.33 36.12
CA GLY D 127 -9.18 -11.45 37.54
C GLY D 127 -7.82 -10.91 37.94
N VAL D 128 -7.78 -10.32 39.12
CA VAL D 128 -6.55 -9.73 39.67
C VAL D 128 -5.40 -10.74 39.79
N GLU D 129 -5.73 -12.03 39.95
CA GLU D 129 -4.69 -13.05 40.09
C GLU D 129 -3.75 -13.09 38.89
N TYR D 130 -4.24 -12.71 37.71
CA TYR D 130 -3.42 -12.74 36.51
C TYR D 130 -2.81 -11.40 36.13
N SER D 131 -3.03 -10.38 36.96
CA SER D 131 -2.50 -9.05 36.66
C SER D 131 -0.96 -9.06 36.53
N LEU D 132 -0.44 -8.19 35.68
CA LEU D 132 0.99 -8.10 35.43
C LEU D 132 1.61 -6.78 35.88
N ASP D 133 2.89 -6.79 36.22
CA ASP D 133 3.56 -5.58 36.67
C ASP D 133 4.26 -4.80 35.55
N ASN D 134 4.15 -5.28 34.32
CA ASN D 134 4.79 -4.63 33.18
C ASN D 134 3.86 -4.61 31.96
N LEU D 135 2.58 -4.74 32.20
CA LEU D 135 1.58 -4.76 31.13
C LEU D 135 1.63 -3.59 30.14
N TYR D 136 1.90 -2.38 30.63
CA TYR D 136 1.89 -1.20 29.78
C TYR D 136 3.21 -0.83 29.11
N GLU D 137 4.28 -1.55 29.45
CA GLU D 137 5.59 -1.28 28.88
C GLU D 137 5.56 -1.24 27.35
N GLY D 138 5.82 -0.07 26.78
CA GLY D 138 5.85 0.06 25.34
C GLY D 138 4.50 0.04 24.63
N LYS D 139 3.41 0.07 25.41
CA LYS D 139 2.07 0.05 24.84
C LYS D 139 1.53 1.48 24.71
N LYS D 140 0.71 1.73 23.69
CA LYS D 140 0.15 3.06 23.52
C LYS D 140 -0.96 3.27 24.54
N VAL D 141 -1.14 4.51 24.96
CA VAL D 141 -2.20 4.85 25.90
C VAL D 141 -2.88 6.06 25.27
N ILE D 142 -4.18 5.95 25.04
CA ILE D 142 -4.96 7.02 24.43
C ILE D 142 -5.74 7.83 25.46
N LEU D 143 -5.40 9.10 25.63
CA LEU D 143 -6.15 9.95 26.54
C LEU D 143 -7.08 10.72 25.60
N THR D 144 -8.30 10.99 26.05
CA THR D 144 -9.26 11.69 25.21
C THR D 144 -9.75 13.01 25.79
N PRO D 145 -8.91 14.04 25.73
CA PRO D 145 -9.32 15.33 26.28
C PRO D 145 -10.39 16.00 25.42
N THR D 146 -11.18 16.85 26.05
CA THR D 146 -12.22 17.61 25.36
C THR D 146 -11.92 19.06 25.70
N LYS D 147 -12.76 19.98 25.24
CA LYS D 147 -12.52 21.38 25.53
C LYS D 147 -12.65 21.71 27.03
N LYS D 148 -13.41 20.90 27.76
CA LYS D 148 -13.60 21.13 29.20
C LYS D 148 -12.56 20.46 30.10
N THR D 149 -11.68 19.65 29.51
CA THR D 149 -10.66 18.96 30.27
C THR D 149 -9.69 19.92 30.94
N ASP D 150 -9.35 19.64 32.19
CA ASP D 150 -8.41 20.49 32.92
C ASP D 150 -6.98 20.17 32.47
N LYS D 151 -6.34 21.16 31.87
CA LYS D 151 -4.97 20.99 31.35
C LYS D 151 -3.98 20.37 32.34
N LYS D 152 -4.01 20.82 33.59
CA LYS D 152 -3.08 20.31 34.59
C LYS D 152 -3.31 18.83 34.87
N ARG D 153 -4.57 18.42 34.96
CA ARG D 153 -4.88 17.02 35.22
C ARG D 153 -4.53 16.15 34.02
N LEU D 154 -4.71 16.70 32.82
CA LEU D 154 -4.40 15.95 31.61
C LEU D 154 -2.91 15.63 31.61
N LYS D 155 -2.09 16.64 31.89
CA LYS D 155 -0.64 16.46 31.93
C LYS D 155 -0.23 15.47 33.02
N LEU D 156 -0.93 15.51 34.15
CA LEU D 156 -0.64 14.61 35.25
C LEU D 156 -0.86 13.15 34.85
N VAL D 157 -2.03 12.86 34.29
CA VAL D 157 -2.39 11.52 33.87
C VAL D 157 -1.43 11.01 32.81
N LYS D 158 -1.04 11.90 31.89
CA LYS D 158 -0.10 11.54 30.84
C LYS D 158 1.23 11.09 31.45
N ARG D 159 1.73 11.88 32.40
CA ARG D 159 3.00 11.59 33.07
C ARG D 159 2.96 10.29 33.87
N VAL D 160 1.80 9.98 34.46
CA VAL D 160 1.65 8.76 35.23
C VAL D 160 1.77 7.56 34.30
N TRP D 161 1.09 7.63 33.15
CA TRP D 161 1.14 6.54 32.18
C TRP D 161 2.55 6.37 31.61
N GLU D 162 3.25 7.48 31.38
CA GLU D 162 4.61 7.39 30.85
C GLU D 162 5.52 6.81 31.94
N ASP D 163 5.19 7.06 33.19
CA ASP D 163 5.99 6.54 34.30
C ASP D 163 5.83 5.02 34.44
N VAL D 164 4.78 4.46 33.84
CA VAL D 164 4.58 3.01 33.92
C VAL D 164 4.93 2.33 32.61
N GLY D 165 5.53 3.09 31.70
CA GLY D 165 5.95 2.52 30.43
C GLY D 165 5.05 2.80 29.23
N GLY D 166 3.97 3.55 29.44
CA GLY D 166 3.07 3.84 28.35
C GLY D 166 3.58 4.91 27.38
N VAL D 167 2.99 4.93 26.19
CA VAL D 167 3.32 5.87 25.12
C VAL D 167 2.00 6.58 24.82
N VAL D 168 1.83 7.76 25.40
CA VAL D 168 0.61 8.54 25.30
C VAL D 168 0.40 9.42 24.06
N GLU D 169 -0.85 9.47 23.61
CA GLU D 169 -1.24 10.33 22.49
C GLU D 169 -2.70 10.69 22.73
N TYR D 170 -3.16 11.77 22.10
CA TYR D 170 -4.52 12.25 22.29
C TYR D 170 -5.45 12.05 21.10
N MSE D 171 -6.70 11.74 21.41
CA MSE D 171 -7.73 11.56 20.40
C MSE D 171 -9.01 12.05 21.02
O MSE D 171 -9.20 11.95 22.24
CB MSE D 171 -7.92 10.10 20.02
CG MSE D 171 -6.79 9.47 19.28
SE MSE D 171 -7.40 7.73 18.68
CE MSE D 171 -5.75 7.07 17.93
N SER D 172 -9.91 12.61 20.22
CA SER D 172 -11.19 13.05 20.76
C SER D 172 -11.93 11.77 21.13
N PRO D 173 -12.88 11.87 22.09
CA PRO D 173 -13.64 10.68 22.49
C PRO D 173 -14.26 9.97 21.28
N GLU D 174 -14.74 10.76 20.32
CA GLU D 174 -15.38 10.19 19.14
C GLU D 174 -14.38 9.55 18.19
N LEU D 175 -13.24 10.19 17.97
CA LEU D 175 -12.24 9.62 17.09
C LEU D 175 -11.80 8.29 17.67
N HIS D 176 -11.58 8.26 18.97
CA HIS D 176 -11.15 7.03 19.62
C HIS D 176 -12.05 5.85 19.28
N ASP D 177 -13.36 6.03 19.43
CA ASP D 177 -14.29 4.95 19.16
C ASP D 177 -14.32 4.51 17.71
N TYR D 178 -14.05 5.43 16.78
CA TYR D 178 -14.02 5.04 15.38
C TYR D 178 -12.75 4.23 15.14
N VAL D 179 -11.62 4.76 15.59
CA VAL D 179 -10.33 4.09 15.38
C VAL D 179 -10.28 2.70 15.98
N PHE D 180 -10.65 2.56 17.26
CA PHE D 180 -10.59 1.24 17.84
C PHE D 180 -11.73 0.36 17.45
N GLY D 181 -12.80 0.96 16.93
CA GLY D 181 -13.91 0.17 16.47
C GLY D 181 -13.35 -0.64 15.30
N VAL D 182 -12.49 -0.02 14.50
CA VAL D 182 -11.90 -0.70 13.34
C VAL D 182 -10.67 -1.56 13.65
N VAL D 183 -9.77 -1.08 14.48
CA VAL D 183 -8.54 -1.84 14.76
C VAL D 183 -8.60 -2.87 15.88
N SER D 184 -9.65 -2.83 16.69
CA SER D 184 -9.77 -3.76 17.81
C SER D 184 -11.09 -4.53 17.84
N HIS D 185 -12.19 -3.79 17.85
CA HIS D 185 -13.51 -4.40 17.92
C HIS D 185 -13.79 -5.27 16.69
N LEU D 186 -13.51 -4.75 15.50
CA LEU D 186 -13.72 -5.50 14.27
C LEU D 186 -12.89 -6.79 14.27
N PRO D 187 -11.58 -6.70 14.54
CA PRO D 187 -10.79 -7.93 14.54
C PRO D 187 -11.31 -8.98 15.52
N HIS D 188 -11.84 -8.54 16.65
CA HIS D 188 -12.39 -9.46 17.65
C HIS D 188 -13.67 -10.09 17.08
N ALA D 189 -14.49 -9.28 16.42
CA ALA D 189 -15.71 -9.80 15.80
C ALA D 189 -15.32 -10.85 14.76
N VAL D 190 -14.27 -10.57 14.00
CA VAL D 190 -13.83 -11.50 12.97
C VAL D 190 -13.32 -12.80 13.59
N ALA D 191 -12.54 -12.71 14.67
CA ALA D 191 -12.04 -13.89 15.34
C ALA D 191 -13.19 -14.73 15.89
N PHE D 192 -14.17 -14.08 16.49
CA PHE D 192 -15.32 -14.80 17.05
C PHE D 192 -16.07 -15.49 15.92
N ALA D 193 -16.32 -14.77 14.83
CA ALA D 193 -17.05 -15.34 13.70
C ALA D 193 -16.31 -16.48 13.02
N LEU D 194 -14.98 -16.44 13.03
CA LEU D 194 -14.19 -17.52 12.41
C LEU D 194 -14.41 -18.82 13.18
N VAL D 195 -14.44 -18.73 14.50
CA VAL D 195 -14.66 -19.91 15.33
C VAL D 195 -16.10 -20.41 15.17
N ASP D 196 -17.05 -19.47 15.13
CA ASP D 196 -18.46 -19.83 14.97
C ASP D 196 -18.65 -20.51 13.63
N THR D 197 -17.82 -20.14 12.67
CA THR D 197 -17.88 -20.71 11.32
C THR D 197 -17.64 -22.21 11.36
N LEU D 198 -16.64 -22.63 12.12
CA LEU D 198 -16.32 -24.06 12.22
C LEU D 198 -17.47 -24.86 12.83
N ILE D 199 -18.22 -24.22 13.71
CA ILE D 199 -19.35 -24.87 14.35
C ILE D 199 -20.42 -25.18 13.31
N HIS D 200 -20.75 -24.18 12.52
CA HIS D 200 -21.79 -24.33 11.51
C HIS D 200 -21.41 -25.05 10.22
N MSE D 201 -20.12 -25.18 9.95
CA MSE D 201 -19.70 -25.87 8.73
C MSE D 201 -19.11 -27.26 8.97
O MSE D 201 -18.46 -27.83 8.09
CB MSE D 201 -18.67 -25.03 7.97
CG MSE D 201 -19.26 -23.78 7.34
SE MSE D 201 -17.97 -22.89 6.24
CE MSE D 201 -18.00 -24.09 4.71
N SER D 202 -19.37 -27.82 10.16
CA SER D 202 -18.84 -29.14 10.49
C SER D 202 -19.57 -30.36 9.93
N THR D 203 -20.83 -30.55 10.32
CA THR D 203 -21.66 -31.68 9.90
C THR D 203 -21.40 -32.89 10.81
N PRO D 204 -22.30 -33.88 10.79
CA PRO D 204 -22.15 -35.08 11.62
C PRO D 204 -20.87 -35.89 11.41
N GLU D 205 -20.53 -36.15 10.16
CA GLU D 205 -19.35 -36.94 9.85
C GLU D 205 -18.04 -36.23 10.12
N VAL D 206 -17.92 -34.98 9.68
CA VAL D 206 -16.69 -34.24 9.88
C VAL D 206 -16.79 -33.11 10.91
N ASP D 207 -15.92 -33.18 11.91
CA ASP D 207 -15.87 -32.17 12.97
C ASP D 207 -14.64 -31.31 12.70
N LEU D 208 -14.85 -30.15 12.10
CA LEU D 208 -13.77 -29.25 11.75
C LEU D 208 -12.80 -28.93 12.86
N PHE D 209 -13.29 -28.93 14.11
CA PHE D 209 -12.44 -28.63 15.25
C PHE D 209 -11.34 -29.66 15.46
N LYS D 210 -11.41 -30.75 14.69
CA LYS D 210 -10.40 -31.78 14.77
C LYS D 210 -9.18 -31.37 13.96
N TYR D 211 -9.33 -30.36 13.11
CA TYR D 211 -8.25 -29.93 12.23
C TYR D 211 -7.53 -28.59 12.40
N PRO D 212 -8.09 -27.65 13.17
CA PRO D 212 -7.41 -26.37 13.33
C PRO D 212 -5.92 -26.45 13.65
N GLY D 213 -5.11 -25.82 12.79
CA GLY D 213 -3.68 -25.83 12.98
C GLY D 213 -3.19 -24.58 13.70
N GLY D 214 -1.88 -24.50 13.92
CA GLY D 214 -1.30 -23.36 14.61
C GLY D 214 -1.65 -22.01 14.02
N GLY D 215 -1.91 -21.98 12.72
CA GLY D 215 -2.25 -20.73 12.06
C GLY D 215 -3.62 -20.25 12.52
N PHE D 216 -4.60 -21.16 12.49
CA PHE D 216 -5.95 -20.84 12.88
C PHE D 216 -6.00 -20.31 14.31
N LYS D 217 -5.25 -20.96 15.20
CA LYS D 217 -5.21 -20.57 16.60
C LYS D 217 -4.63 -19.17 16.77
N ASP D 218 -3.67 -18.82 15.91
CA ASP D 218 -3.05 -17.50 15.95
C ASP D 218 -4.04 -16.40 15.58
N PHE D 219 -4.83 -16.65 14.55
CA PHE D 219 -5.83 -15.68 14.10
C PHE D 219 -7.02 -15.54 15.04
N THR D 220 -7.28 -16.57 15.84
CA THR D 220 -8.44 -16.55 16.74
C THR D 220 -8.10 -16.60 18.23
N ARG D 221 -6.86 -16.28 18.58
CA ARG D 221 -6.46 -16.32 19.98
C ARG D 221 -7.32 -15.37 20.81
N ILE D 222 -7.69 -14.23 20.22
CA ILE D 222 -8.51 -13.26 20.95
C ILE D 222 -9.95 -13.72 21.12
N ALA D 223 -10.33 -14.81 20.47
CA ALA D 223 -11.69 -15.35 20.59
C ALA D 223 -11.86 -15.98 21.98
N LYS D 224 -10.76 -16.06 22.72
CA LYS D 224 -10.78 -16.62 24.07
C LYS D 224 -11.07 -15.54 25.10
N SER D 225 -11.27 -14.31 24.64
CA SER D 225 -11.55 -13.20 25.54
C SER D 225 -12.87 -13.34 26.28
N ASP D 226 -13.09 -12.48 27.27
CA ASP D 226 -14.29 -12.49 28.09
C ASP D 226 -15.57 -12.14 27.33
N PRO D 227 -16.53 -13.06 27.27
CA PRO D 227 -17.80 -12.86 26.57
C PRO D 227 -18.61 -11.66 27.07
N ILE D 228 -18.63 -11.47 28.38
CA ILE D 228 -19.39 -10.37 28.95
C ILE D 228 -18.77 -9.03 28.58
N MSE D 229 -17.45 -8.95 28.64
CA MSE D 229 -16.77 -7.72 28.30
C MSE D 229 -16.99 -7.35 26.84
O MSE D 229 -17.20 -6.19 26.52
CB MSE D 229 -15.27 -7.82 28.55
CG MSE D 229 -14.53 -6.49 28.42
SE MSE D 229 -12.61 -6.64 28.56
CE MSE D 229 -12.52 -7.46 30.31
N TRP D 230 -16.93 -8.33 25.95
CA TRP D 230 -17.11 -8.03 24.55
C TRP D 230 -18.55 -7.76 24.17
N ARG D 231 -19.48 -8.36 24.92
CA ARG D 231 -20.90 -8.10 24.69
C ARG D 231 -21.05 -6.59 24.98
N ASP D 232 -20.49 -6.16 26.10
CA ASP D 232 -20.54 -4.77 26.54
C ASP D 232 -19.90 -3.84 25.51
N ILE D 233 -18.66 -4.14 25.12
CA ILE D 233 -17.96 -3.31 24.15
C ILE D 233 -18.73 -3.19 22.83
N PHE D 234 -19.17 -4.32 22.27
CA PHE D 234 -19.91 -4.30 21.01
C PHE D 234 -21.16 -3.43 21.07
N LEU D 235 -21.90 -3.52 22.17
CA LEU D 235 -23.11 -2.74 22.34
C LEU D 235 -22.83 -1.26 22.57
N GLU D 236 -21.84 -0.97 23.41
CA GLU D 236 -21.45 0.39 23.73
C GLU D 236 -20.84 1.18 22.56
N ASN D 237 -20.30 0.48 21.58
CA ASN D 237 -19.71 1.12 20.40
C ASN D 237 -20.40 0.51 19.18
N LYS D 238 -21.68 0.17 19.32
CA LYS D 238 -22.40 -0.49 18.24
C LYS D 238 -22.41 0.21 16.87
N GLU D 239 -22.54 1.54 16.85
CA GLU D 239 -22.55 2.26 15.59
C GLU D 239 -21.24 2.05 14.83
N ASN D 240 -20.11 2.29 15.50
CA ASN D 240 -18.79 2.13 14.89
C ASN D 240 -18.48 0.68 14.56
N VAL D 241 -18.93 -0.24 15.41
CA VAL D 241 -18.68 -1.65 15.19
C VAL D 241 -19.43 -2.12 13.96
N MSE D 242 -20.68 -1.69 13.85
CA MSE D 242 -21.51 -2.05 12.71
C MSE D 242 -20.87 -1.52 11.43
O MSE D 242 -20.76 -2.23 10.44
CB MSE D 242 -22.91 -1.47 12.88
CG MSE D 242 -23.85 -1.77 11.73
SE MSE D 242 -25.41 -0.65 11.83
CE MSE D 242 -24.57 1.07 11.43
N LYS D 243 -20.44 -0.25 11.44
CA LYS D 243 -19.81 0.33 10.26
C LYS D 243 -18.50 -0.35 9.92
N ALA D 244 -17.77 -0.82 10.93
CA ALA D 244 -16.51 -1.49 10.69
C ALA D 244 -16.75 -2.85 10.03
N ILE D 245 -17.77 -3.57 10.49
CA ILE D 245 -18.07 -4.87 9.90
C ILE D 245 -18.52 -4.70 8.45
N GLU D 246 -19.32 -3.67 8.18
CA GLU D 246 -19.78 -3.41 6.82
C GLU D 246 -18.59 -3.10 5.91
N GLY D 247 -17.67 -2.25 6.39
CA GLY D 247 -16.50 -1.90 5.61
C GLY D 247 -15.64 -3.11 5.31
N PHE D 248 -15.47 -3.97 6.32
CA PHE D 248 -14.70 -5.20 6.17
C PHE D 248 -15.39 -6.12 5.16
N GLU D 249 -16.72 -6.20 5.25
CA GLU D 249 -17.46 -7.05 4.34
C GLU D 249 -17.36 -6.52 2.91
N LYS D 250 -17.28 -5.20 2.77
CA LYS D 250 -17.16 -4.59 1.47
C LYS D 250 -15.84 -5.08 0.88
N SER D 251 -14.80 -5.09 1.71
CA SER D 251 -13.49 -5.56 1.25
C SER D 251 -13.48 -7.06 0.97
N LEU D 252 -14.13 -7.83 1.84
CA LEU D 252 -14.17 -9.28 1.68
C LEU D 252 -14.95 -9.67 0.44
N ASN D 253 -16.05 -8.98 0.18
CA ASN D 253 -16.85 -9.28 -0.99
C ASN D 253 -16.10 -8.93 -2.27
N HIS D 254 -15.29 -7.88 -2.23
CA HIS D 254 -14.53 -7.54 -3.42
C HIS D 254 -13.52 -8.64 -3.70
N LEU D 255 -12.87 -9.14 -2.65
CA LEU D 255 -11.91 -10.23 -2.81
C LEU D 255 -12.63 -11.46 -3.34
N LYS D 256 -13.82 -11.72 -2.80
CA LYS D 256 -14.63 -12.86 -3.22
C LYS D 256 -14.97 -12.79 -4.71
N GLU D 257 -15.30 -11.59 -5.19
CA GLU D 257 -15.66 -11.45 -6.60
C GLU D 257 -14.45 -11.65 -7.51
N LEU D 258 -13.28 -11.20 -7.07
CA LEU D 258 -12.06 -11.38 -7.87
C LEU D 258 -11.78 -12.87 -8.00
N ILE D 259 -12.09 -13.62 -6.94
CA ILE D 259 -11.88 -15.04 -6.95
C ILE D 259 -12.89 -15.74 -7.85
N VAL D 260 -14.11 -15.20 -7.93
CA VAL D 260 -15.17 -15.76 -8.77
C VAL D 260 -14.79 -15.58 -10.24
N ARG D 261 -14.58 -14.33 -10.62
CA ARG D 261 -14.21 -13.98 -11.99
C ARG D 261 -12.84 -14.52 -12.35
N GLU D 262 -12.13 -15.02 -11.35
CA GLU D 262 -10.78 -15.52 -11.56
C GLU D 262 -9.95 -14.43 -12.22
N ALA D 263 -10.05 -13.21 -11.67
CA ALA D 263 -9.30 -12.05 -12.16
C ALA D 263 -7.92 -12.17 -11.54
N GLU D 264 -7.07 -12.99 -12.15
CA GLU D 264 -5.74 -13.25 -11.67
C GLU D 264 -4.86 -12.04 -11.35
N GLU D 265 -4.77 -11.10 -12.27
CA GLU D 265 -3.94 -9.91 -12.07
C GLU D 265 -4.41 -9.02 -10.93
N GLU D 266 -5.70 -8.71 -10.90
CA GLU D 266 -6.23 -7.87 -9.85
C GLU D 266 -6.15 -8.55 -8.49
N LEU D 267 -6.32 -9.87 -8.47
CA LEU D 267 -6.26 -10.61 -7.23
C LEU D 267 -4.87 -10.47 -6.61
N VAL D 268 -3.83 -10.64 -7.43
CA VAL D 268 -2.46 -10.51 -6.96
C VAL D 268 -2.20 -9.12 -6.37
N GLU D 269 -2.70 -8.08 -7.03
CA GLU D 269 -2.52 -6.72 -6.55
C GLU D 269 -3.20 -6.51 -5.21
N TYR D 270 -4.36 -7.14 -5.05
CA TYR D 270 -5.13 -7.05 -3.81
C TYR D 270 -4.33 -7.69 -2.67
N LEU D 271 -3.82 -8.90 -2.92
CA LEU D 271 -3.05 -9.63 -1.92
C LEU D 271 -1.72 -8.97 -1.57
N LYS D 272 -1.14 -8.25 -2.52
CA LYS D 272 0.14 -7.58 -2.29
C LYS D 272 0.00 -6.34 -1.43
N GLU D 273 -1.24 -5.99 -1.09
CA GLU D 273 -1.50 -4.82 -0.24
C GLU D 273 -0.92 -5.05 1.14
N VAL D 274 -0.70 -6.31 1.50
CA VAL D 274 -0.14 -6.67 2.80
C VAL D 274 1.34 -6.35 2.87
N LYS D 275 1.91 -5.96 1.74
CA LYS D 275 3.33 -5.63 1.68
C LYS D 275 3.55 -4.14 1.85
N ILE D 276 2.46 -3.40 2.04
CA ILE D 276 2.54 -1.96 2.22
C ILE D 276 3.51 -1.62 3.34
N LYS D 277 4.29 -0.57 3.14
CA LYS D 277 5.27 -0.14 4.12
C LYS D 277 4.63 0.17 5.47
N ARG D 278 3.30 0.32 5.46
CA ARG D 278 2.56 0.60 6.68
C ARG D 278 2.36 -0.69 7.46
PA NAD E . 18.07 6.95 -31.53
O1A NAD E . 19.06 7.05 -30.44
O2A NAD E . 17.67 8.24 -32.19
O5B NAD E . 18.68 5.91 -32.59
C5B NAD E . 17.97 5.60 -33.75
C4B NAD E . 18.94 5.21 -34.84
O4B NAD E . 18.15 4.98 -35.97
C3B NAD E . 19.91 6.36 -35.24
O3B NAD E . 21.27 6.01 -35.05
C2B NAD E . 19.51 6.65 -36.68
O2B NAD E . 20.54 7.12 -37.53
C1B NAD E . 18.95 5.30 -37.07
N9A NAD E . 18.10 5.18 -38.26
C8A NAD E . 17.10 6.01 -38.71
N7A NAD E . 16.59 5.50 -39.84
C5A NAD E . 17.26 4.37 -40.14
C6A NAD E . 17.18 3.42 -41.18
N6A NAD E . 16.30 3.55 -42.16
N1A NAD E . 18.03 2.32 -41.18
C2A NAD E . 18.98 2.16 -40.16
N3A NAD E . 19.07 3.09 -39.14
C4A NAD E . 18.21 4.16 -39.14
O3 NAD E . 16.70 6.20 -31.04
PN NAD E . 16.59 5.17 -29.81
O1N NAD E . 17.83 4.37 -29.75
O2N NAD E . 16.24 5.94 -28.59
O5D NAD E . 15.33 4.20 -30.12
C5D NAD E . 15.32 3.32 -31.22
C4D NAD E . 14.07 2.40 -31.25
O4D NAD E . 13.83 1.88 -29.95
C3D NAD E . 12.74 3.00 -31.72
O3D NAD E . 12.17 2.13 -32.69
C2D NAD E . 11.86 3.10 -30.49
O2D NAD E . 10.48 2.89 -30.76
C1D NAD E . 12.49 2.05 -29.56
N1N NAD E . 12.47 2.35 -28.10
C2N NAD E . 12.99 3.57 -27.67
C3N NAD E . 12.98 3.88 -26.29
C7N NAD E . 13.55 5.20 -25.85
O7N NAD E . 13.53 5.48 -24.51
N7N NAD E . 14.07 6.10 -26.68
C4N NAD E . 12.45 2.94 -25.38
C5N NAD E . 11.93 1.71 -25.82
C6N NAD E . 11.93 1.43 -27.20
PA NAD F . 9.41 -20.31 -3.44
O1A NAD F . 10.39 -20.18 -2.35
O2A NAD F . 8.97 -19.02 -4.10
O5B NAD F . 10.04 -21.32 -4.50
C5B NAD F . 9.34 -21.64 -5.67
C4B NAD F . 10.33 -21.96 -6.77
O4B NAD F . 9.56 -22.23 -7.92
C3B NAD F . 11.25 -20.78 -7.14
O3B NAD F . 12.63 -21.08 -6.94
C2B NAD F . 10.88 -20.50 -8.60
O2B NAD F . 11.91 -19.98 -9.42
C1B NAD F . 10.38 -21.87 -9.00
N9A NAD F . 9.57 -22.02 -10.23
C8A NAD F . 8.56 -21.22 -10.73
N7A NAD F . 8.11 -21.77 -11.88
C5A NAD F . 8.81 -22.91 -12.12
C6A NAD F . 8.79 -23.88 -13.12
N6A NAD F . 7.94 -23.79 -14.14
N1A NAD F . 9.67 -24.96 -13.07
C2A NAD F . 10.58 -25.07 -12.01
N3A NAD F . 10.60 -24.12 -11.00
C4A NAD F . 9.73 -23.06 -11.07
O3 NAD F . 8.08 -21.08 -2.92
PN NAD F . 8.02 -22.12 -1.69
O1N NAD F . 9.26 -22.92 -1.69
O2N NAD F . 7.73 -21.36 -0.45
O5D NAD F . 6.74 -23.07 -1.98
C5D NAD F . 6.70 -23.91 -3.12
C4D NAD F . 5.46 -24.83 -3.16
O4D NAD F . 5.21 -25.37 -1.87
C3D NAD F . 4.13 -24.22 -3.62
O3D NAD F . 3.54 -25.12 -4.55
C2D NAD F . 3.29 -24.09 -2.36
O2D NAD F . 1.89 -24.20 -2.60
C1D NAD F . 3.87 -25.19 -1.48
N1N NAD F . 3.86 -24.95 -0.01
C2N NAD F . 4.50 -23.82 0.48
C3N NAD F . 4.52 -23.55 1.85
C7N NAD F . 5.23 -22.34 2.35
O7N NAD F . 5.23 -22.11 3.70
N7N NAD F . 5.85 -21.48 1.56
C4N NAD F . 3.86 -24.47 2.73
C5N NAD F . 3.21 -25.60 2.23
C6N NAD F . 3.21 -25.84 0.85
PA NAD G . -2.44 19.38 7.57
O1A NAD G . -1.13 18.73 7.63
O2A NAD G . -3.65 18.44 7.51
O5B NAD G . -2.53 20.36 8.82
C5B NAD G . -3.69 21.12 9.02
C4B NAD G . -3.83 21.49 10.49
O4B NAD G . -5.03 22.21 10.54
C3B NAD G . -4.03 20.26 11.41
O3B NAD G . -3.05 20.20 12.45
C2B NAD G . -5.45 20.45 11.92
O2B NAD G . -5.74 19.93 13.20
C1B NAD G . -5.55 21.94 11.81
N9A NAD G . -6.90 22.55 11.88
C8A NAD G . -8.04 22.18 11.23
N7A NAD G . -9.03 23.01 11.59
C5A NAD G . -8.55 23.91 12.45
C6A NAD G . -9.09 24.99 13.15
N6A NAD G . -10.38 25.31 13.01
N1A NAD G . -8.28 25.76 13.99
C2A NAD G . -6.94 25.44 14.15
N3A NAD G . -6.39 24.37 13.47
C4A NAD G . -7.19 23.64 12.65
O3 NAD G . -2.55 20.36 6.28
PN NAD G . -1.36 21.14 5.56
O1N NAD G . -0.47 21.70 6.59
O2N NAD G . -0.75 20.22 4.57
O5D NAD G . -2.08 22.30 4.74
C5D NAD G . -2.74 23.31 5.44
C4D NAD G . -3.30 24.36 4.50
O4D NAD G . -2.27 25.06 3.81
C3D NAD G . -4.29 23.85 3.45
O3D NAD G . -5.61 24.11 3.86
C2D NAD G . -3.92 24.55 2.14
O2D NAD G . -4.86 25.48 1.69
C1D NAD G . -2.53 25.15 2.42
N1N NAD G . -1.42 24.60 1.59
C2N NAD G . -1.17 23.22 1.61
C3N NAD G . -0.15 22.69 0.81
C7N NAD G . 0.13 21.21 0.82
O7N NAD G . 1.11 20.74 0.01
N7N NAD G . -0.55 20.35 1.56
C4N NAD G . 0.62 23.57 0.00
C5N NAD G . 0.36 24.96 -0.01
C6N NAD G . -0.67 25.46 0.80
PA NAD H . -11.83 -8.09 35.13
O1A NAD H . -10.55 -8.81 35.27
O2A NAD H . -13.05 -8.97 34.93
O5B NAD H . -11.97 -7.16 36.42
C5B NAD H . -13.10 -6.36 36.56
C4B NAD H . -13.32 -5.97 38.02
O4B NAD H . -14.51 -5.19 38.00
C3B NAD H . -13.63 -7.20 38.91
O3B NAD H . -12.72 -7.31 40.00
C2B NAD H . -15.08 -6.95 39.33
O2B NAD H . -15.50 -7.48 40.56
C1B NAD H . -15.11 -5.44 39.23
N9A NAD H . -16.42 -4.78 39.24
C8A NAD H . -17.56 -5.11 38.54
N7A NAD H . -18.53 -4.23 38.86
C5A NAD H . -18.04 -3.35 39.75
C6A NAD H . -18.56 -2.23 40.42
N6A NAD H . -19.83 -1.86 40.23
N1A NAD H . -17.76 -1.51 41.30
C2A NAD H . -16.43 -1.88 41.51
N3A NAD H . -15.91 -2.98 40.85
C4A NAD H . -16.70 -3.68 39.99
O3 NAD H . -11.80 -7.02 33.90
PN NAD H . -10.50 -6.30 33.33
O1N NAD H . -9.61 -5.97 34.47
O2N NAD H . -9.92 -7.15 32.27
O5D NAD H . -10.97 -4.95 32.62
C5D NAD H . -11.57 -3.93 33.38
C4D NAD H . -11.81 -2.69 32.53
O4D NAD H . -10.67 -2.42 31.72
C3D NAD H . -13.01 -2.70 31.57
O3D NAD H . -13.73 -1.50 31.75
C2D NAD H . -12.41 -2.80 30.17
O2D NAD H . -13.18 -2.13 29.20
C1D NAD H . -11.01 -2.23 30.37
N1N NAD H . -9.95 -2.82 29.50
C2N NAD H . -9.80 -4.20 29.48
C3N NAD H . -8.82 -4.78 28.66
C7N NAD H . -8.66 -6.27 28.64
O7N NAD H . -7.71 -6.78 27.80
N7N NAD H . -9.39 -7.11 29.36
C4N NAD H . -8.01 -3.93 27.87
C5N NAD H . -8.18 -2.53 27.90
C6N NAD H . -9.16 -1.98 28.73
#